data_6X93
#
_entry.id   6X93
#
_cell.length_a   1.00
_cell.length_b   1.00
_cell.length_c   1.00
_cell.angle_alpha   90.00
_cell.angle_beta   90.00
_cell.angle_gamma   90.00
#
_symmetry.space_group_name_H-M   'P 1'
#
loop_
_entity.id
_entity.type
_entity.pdbx_description
1 polymer Interleukin-10
2 polymer 'Interleukin-10 receptor subunit alpha'
3 polymer 'Interleukin-10 receptor subunit beta'
#
loop_
_entity_poly.entity_id
_entity_poly.type
_entity_poly.pdbx_seq_one_letter_code
_entity_poly.pdbx_strand_id
1 'polypeptide(L)'
;SPGQGTQSENSCTHFPGYLPNMLRDLRDAFSRVKTFFQMKDQLDNLLLKESLLEDFKGYLGCQALSEMIQFYLEEVMPQA
ENQDPDIKAHVQSLGENLKDLRLWLRRCHRFLPCENKSKAVEQVKNAFNKLQEKGIYKAMSEFDIFINYIEAYMTMKIRN
;
A,D
2 'polypeptide(L)'
;HGTELPSPPSVWFEAEFFHHILHWTPIPNQSESTCYEVALLRYGIESWNSISNCSQTLSYDLTAVTLDLYHSNGYRARVR
AVDGSRHSNWTVTNTRFSVDEVTLTVGSVNLEIHNGFILGKIQLPRPKMAPANDTYESIFSHFREYEIAIRKVPGNFTFT
HKKVKHENFSLLTSGEVGEFCVQVKPSVASRSNKGMWSKEECISLTRQYFTVTN
;
B,E
3 'polypeptide(L)'
;MVPPPENVRMNSVNFKNILQWESPAFAKGQLTFTAQYLSYRIFQDKCMQTTLTECDFSSLSKYGDHTLRVRAEFADEHSD
WVQITFCPVDDTIIGPPGMQVEVLADSLHMRFLAPKIENEYETWTMKNVYNSWTYNVQYWKNGTDEKFQITPQYDFEVLR
NLEPWTTYCVQVRGFLPDRNKAGEWSEPVCEQTTHDETVPS
;
C,F
#
# COMPACT_ATOMS: atom_id res chain seq x y z
N CYS A 12 15.76 9.38 -6.71
CA CYS A 12 15.98 8.20 -7.54
C CYS A 12 17.19 8.38 -8.44
N THR A 13 17.27 7.56 -9.49
CA THR A 13 18.41 7.57 -10.41
C THR A 13 18.25 8.75 -11.37
N HIS A 14 18.38 9.96 -10.80
CA HIS A 14 18.23 11.22 -11.54
C HIS A 14 16.97 11.17 -12.39
N PHE A 15 15.93 10.59 -11.82
CA PHE A 15 14.69 10.36 -12.54
C PHE A 15 13.93 11.61 -12.99
N PRO A 16 13.91 12.73 -12.27
CA PRO A 16 13.11 13.87 -12.75
C PRO A 16 13.60 14.47 -14.05
N GLY A 17 14.81 14.13 -14.50
CA GLY A 17 15.24 14.51 -15.82
C GLY A 17 14.48 13.80 -16.93
N TYR A 18 13.83 12.69 -16.62
CA TYR A 18 13.06 11.93 -17.58
C TYR A 18 11.57 12.22 -17.54
N LEU A 19 11.05 12.58 -16.37
CA LEU A 19 9.61 12.70 -16.18
C LEU A 19 8.90 13.51 -17.25
N PRO A 20 9.34 14.71 -17.61
CA PRO A 20 8.54 15.46 -18.57
C PRO A 20 8.41 14.72 -19.87
N ASN A 21 9.50 14.13 -20.37
CA ASN A 21 9.36 13.42 -21.62
C ASN A 21 8.45 12.21 -21.49
N MET A 22 8.48 11.52 -20.35
CA MET A 22 7.57 10.39 -20.22
C MET A 22 6.12 10.85 -20.26
N LEU A 23 5.80 11.94 -19.57
CA LEU A 23 4.42 12.41 -19.63
C LEU A 23 4.06 12.84 -21.04
N ARG A 24 5.03 13.40 -21.76
CA ARG A 24 4.77 13.76 -23.13
C ARG A 24 4.47 12.51 -23.94
N ASP A 25 5.14 11.40 -23.62
CA ASP A 25 4.93 10.19 -24.39
C ASP A 25 3.58 9.59 -24.07
N LEU A 26 3.11 9.73 -22.83
CA LEU A 26 1.80 9.19 -22.49
C LEU A 26 0.68 10.00 -23.13
N ARG A 27 0.74 11.34 -23.01
CA ARG A 27 -0.29 12.15 -23.66
C ARG A 27 -0.32 11.92 -25.15
N ASP A 28 0.82 12.04 -25.82
CA ASP A 28 0.76 11.98 -27.26
C ASP A 28 0.46 10.57 -27.75
N ALA A 29 0.85 9.53 -27.01
CA ALA A 29 0.45 8.18 -27.37
C ALA A 29 -1.06 8.00 -27.21
N PHE A 30 -1.62 8.46 -26.09
CA PHE A 30 -3.07 8.38 -25.91
C PHE A 30 -3.81 9.07 -27.04
N SER A 31 -3.26 10.17 -27.54
CA SER A 31 -3.97 10.93 -28.56
C SER A 31 -4.31 10.06 -29.76
N ARG A 32 -3.58 8.98 -29.99
CA ARG A 32 -3.85 8.16 -31.17
C ARG A 32 -5.20 7.47 -31.10
N VAL A 33 -5.62 7.02 -29.92
CA VAL A 33 -6.91 6.34 -29.79
C VAL A 33 -8.00 7.27 -29.26
N LYS A 34 -7.63 8.45 -28.77
CA LYS A 34 -8.61 9.36 -28.22
C LYS A 34 -9.72 9.63 -29.22
N THR A 35 -9.38 9.83 -30.49
CA THR A 35 -10.41 10.20 -31.47
C THR A 35 -11.49 9.14 -31.56
N PHE A 36 -11.15 7.90 -31.26
CA PHE A 36 -12.11 6.80 -31.33
C PHE A 36 -12.94 6.72 -30.05
N PHE A 37 -12.28 6.50 -28.93
CA PHE A 37 -13.09 6.28 -27.72
C PHE A 37 -13.84 7.55 -27.31
N GLN A 38 -13.21 8.71 -27.38
CA GLN A 38 -13.93 9.94 -27.06
C GLN A 38 -15.11 10.15 -27.97
N MET A 39 -15.00 9.74 -29.23
CA MET A 39 -16.13 9.92 -30.14
C MET A 39 -17.26 8.95 -29.85
N LYS A 40 -16.98 7.77 -29.29
CA LYS A 40 -18.07 6.86 -28.99
C LYS A 40 -18.58 6.95 -27.57
N ASP A 41 -17.88 7.61 -26.67
CA ASP A 41 -18.35 7.75 -25.28
C ASP A 41 -19.34 8.90 -25.20
N GLN A 42 -20.53 8.65 -25.73
CA GLN A 42 -21.51 9.69 -25.94
C GLN A 42 -22.42 9.92 -24.76
N LEU A 43 -22.42 9.06 -23.75
CA LEU A 43 -23.39 9.21 -22.68
C LEU A 43 -23.03 10.27 -21.66
N ASP A 44 -21.91 10.99 -21.86
CA ASP A 44 -21.60 12.18 -21.10
C ASP A 44 -21.65 11.96 -19.59
N ASN A 45 -21.19 10.80 -19.12
CA ASN A 45 -21.08 10.65 -17.68
C ASN A 45 -19.91 11.50 -17.20
N LEU A 46 -20.08 12.13 -16.05
CA LEU A 46 -19.11 13.12 -15.60
C LEU A 46 -18.16 12.61 -14.52
N LEU A 47 -17.86 11.32 -14.48
CA LEU A 47 -16.85 10.89 -13.53
C LEU A 47 -15.53 11.50 -13.95
N LEU A 48 -15.01 12.42 -13.14
CA LEU A 48 -13.80 13.14 -13.49
C LEU A 48 -12.62 12.72 -12.64
N LYS A 49 -12.70 11.55 -12.00
CA LYS A 49 -11.63 11.02 -11.16
C LYS A 49 -11.08 12.09 -10.23
N GLU A 50 -11.99 12.73 -9.49
CA GLU A 50 -11.64 13.85 -8.63
C GLU A 50 -10.61 13.43 -7.59
N SER A 51 -10.69 12.19 -7.13
CA SER A 51 -9.97 11.77 -5.94
C SER A 51 -8.45 11.74 -6.07
N LEU A 52 -7.86 11.72 -7.27
CA LEU A 52 -6.41 11.44 -7.35
C LEU A 52 -5.57 12.33 -6.44
N LEU A 53 -5.66 13.65 -6.58
CA LEU A 53 -4.87 14.50 -5.71
C LEU A 53 -5.59 14.89 -4.43
N GLU A 54 -6.91 14.96 -4.44
CA GLU A 54 -7.63 15.41 -3.27
C GLU A 54 -7.79 14.30 -2.24
N ASP A 55 -7.52 13.07 -2.64
CA ASP A 55 -7.57 11.84 -1.87
C ASP A 55 -6.27 11.10 -2.17
N PHE A 56 -6.06 9.98 -1.51
CA PHE A 56 -4.92 9.12 -1.77
C PHE A 56 -3.59 9.79 -1.52
N LYS A 57 -3.59 10.91 -0.83
CA LYS A 57 -2.36 11.60 -0.53
C LYS A 57 -1.90 11.12 0.85
N GLY A 58 -1.02 11.86 1.50
CA GLY A 58 -0.41 11.30 2.68
C GLY A 58 0.43 10.15 2.21
N TYR A 59 0.30 8.97 2.82
CA TYR A 59 1.13 7.86 2.41
C TYR A 59 0.34 6.65 1.91
N LEU A 60 -0.54 6.07 2.72
CA LEU A 60 -1.22 4.85 2.31
C LEU A 60 -2.15 5.05 1.13
N GLY A 61 -2.80 6.20 1.02
CA GLY A 61 -3.71 6.40 -0.10
C GLY A 61 -3.01 6.29 -1.44
N CYS A 62 -1.77 6.80 -1.51
CA CYS A 62 -0.99 6.76 -2.75
C CYS A 62 -1.16 5.43 -3.47
N GLN A 63 -0.98 4.32 -2.76
CA GLN A 63 -1.00 3.01 -3.37
C GLN A 63 -2.26 2.74 -4.17
N ALA A 64 -3.32 3.51 -3.93
CA ALA A 64 -4.49 3.40 -4.79
C ALA A 64 -4.15 3.76 -6.23
N LEU A 65 -3.19 4.67 -6.42
CA LEU A 65 -2.76 5.03 -7.77
C LEU A 65 -1.91 3.92 -8.39
N SER A 66 -1.05 3.27 -7.63
CA SER A 66 -0.39 2.07 -8.12
C SER A 66 -1.43 1.02 -8.53
N GLU A 67 -2.47 0.86 -7.72
CA GLU A 67 -3.58 0.01 -8.12
C GLU A 67 -4.28 0.54 -9.35
N MET A 68 -4.30 1.87 -9.51
CA MET A 68 -4.90 2.47 -10.68
C MET A 68 -4.12 2.05 -11.91
N ILE A 69 -2.79 2.13 -11.81
CA ILE A 69 -1.91 1.73 -12.91
C ILE A 69 -2.20 0.29 -13.29
N GLN A 70 -2.26 -0.59 -12.30
CA GLN A 70 -2.48 -1.99 -12.61
C GLN A 70 -3.91 -2.21 -13.11
N PHE A 71 -4.82 -1.35 -12.68
CA PHE A 71 -6.19 -1.38 -13.16
C PHE A 71 -6.23 -1.12 -14.65
N TYR A 72 -5.62 -0.02 -15.08
CA TYR A 72 -5.57 0.25 -16.50
C TYR A 72 -4.88 -0.89 -17.24
N LEU A 73 -3.65 -1.24 -16.83
CA LEU A 73 -2.83 -2.16 -17.63
C LEU A 73 -3.50 -3.52 -17.83
N GLU A 74 -4.15 -4.06 -16.80
CA GLU A 74 -4.76 -5.38 -16.95
C GLU A 74 -6.26 -5.33 -17.15
N GLU A 75 -6.97 -4.58 -16.32
CA GLU A 75 -8.42 -4.64 -16.35
C GLU A 75 -8.97 -4.12 -17.67
N VAL A 76 -8.48 -2.98 -18.14
CA VAL A 76 -9.10 -2.31 -19.26
C VAL A 76 -8.38 -2.58 -20.58
N MET A 77 -7.05 -2.66 -20.57
CA MET A 77 -6.32 -2.75 -21.85
C MET A 77 -6.72 -3.96 -22.70
N PRO A 78 -6.58 -5.20 -22.25
CA PRO A 78 -6.90 -6.34 -23.12
C PRO A 78 -8.37 -6.65 -23.26
N GLN A 79 -9.27 -5.96 -22.58
CA GLN A 79 -10.68 -6.10 -22.96
C GLN A 79 -11.05 -5.06 -24.00
N ALA A 80 -10.73 -3.78 -23.74
CA ALA A 80 -11.00 -2.74 -24.70
C ALA A 80 -10.21 -2.94 -25.97
N GLU A 81 -9.10 -3.67 -25.90
CA GLU A 81 -8.32 -3.98 -27.09
C GLU A 81 -9.15 -4.77 -28.08
N ASN A 82 -9.93 -5.72 -27.59
CA ASN A 82 -10.82 -6.45 -28.46
C ASN A 82 -12.17 -5.79 -28.59
N GLN A 83 -12.43 -4.74 -27.79
CA GLN A 83 -13.68 -4.00 -27.92
C GLN A 83 -13.87 -3.51 -29.35
N ASP A 84 -12.79 -3.09 -30.00
CA ASP A 84 -12.74 -3.02 -31.44
C ASP A 84 -11.40 -3.59 -31.91
N PRO A 85 -11.42 -4.64 -32.72
CA PRO A 85 -10.23 -5.49 -32.86
C PRO A 85 -9.26 -5.07 -33.94
N ASP A 86 -9.74 -4.38 -34.99
CA ASP A 86 -8.89 -4.16 -36.15
C ASP A 86 -7.69 -3.29 -35.81
N ILE A 87 -7.91 -2.23 -35.05
CA ILE A 87 -6.85 -1.32 -34.61
C ILE A 87 -6.61 -1.59 -33.13
N LYS A 88 -5.61 -2.41 -32.82
CA LYS A 88 -5.30 -2.75 -31.44
C LYS A 88 -3.92 -2.34 -31.00
N ALA A 89 -2.99 -2.13 -31.93
CA ALA A 89 -1.66 -1.72 -31.53
C ALA A 89 -1.71 -0.38 -30.83
N HIS A 90 -2.64 0.47 -31.23
CA HIS A 90 -2.77 1.79 -30.64
C HIS A 90 -3.11 1.73 -29.16
N VAL A 91 -3.76 0.67 -28.68
CA VAL A 91 -4.06 0.59 -27.25
C VAL A 91 -3.04 -0.24 -26.50
N GLN A 92 -2.51 -1.29 -27.13
CA GLN A 92 -1.43 -2.02 -26.49
C GLN A 92 -0.19 -1.16 -26.27
N SER A 93 0.22 -0.38 -27.27
CA SER A 93 1.36 0.49 -27.06
C SER A 93 1.10 1.49 -25.95
N LEU A 94 -0.16 1.77 -25.64
CA LEU A 94 -0.45 2.70 -24.55
C LEU A 94 -0.35 2.01 -23.20
N GLY A 95 -0.80 0.76 -23.14
CA GLY A 95 -0.60 0.00 -21.92
C GLY A 95 0.88 -0.19 -21.63
N GLU A 96 1.65 -0.54 -22.65
CA GLU A 96 3.10 -0.63 -22.48
C GLU A 96 3.68 0.70 -22.03
N ASN A 97 3.19 1.80 -22.59
CA ASN A 97 3.75 3.08 -22.25
C ASN A 97 3.40 3.54 -20.85
N LEU A 98 2.43 2.91 -20.20
CA LEU A 98 2.24 3.14 -18.77
C LEU A 98 2.96 2.11 -17.90
N LYS A 99 3.09 0.88 -18.40
CA LYS A 99 3.92 -0.10 -17.71
C LYS A 99 5.35 0.39 -17.57
N ASP A 100 5.86 1.13 -18.56
CA ASP A 100 7.20 1.66 -18.45
C ASP A 100 7.29 2.61 -17.27
N LEU A 101 6.19 3.28 -16.95
CA LEU A 101 6.23 4.17 -15.81
C LEU A 101 6.08 3.40 -14.51
N ARG A 102 5.27 2.34 -14.51
CA ARG A 102 5.24 1.51 -13.32
C ARG A 102 6.62 0.97 -12.99
N LEU A 103 7.35 0.50 -13.99
CA LEU A 103 8.73 0.07 -13.77
C LEU A 103 9.59 1.22 -13.29
N TRP A 104 9.31 2.44 -13.73
CA TRP A 104 10.06 3.57 -13.19
C TRP A 104 9.56 3.99 -11.83
N LEU A 105 8.55 3.32 -11.31
CA LEU A 105 8.18 3.50 -9.91
C LEU A 105 8.81 2.45 -9.01
N ARG A 106 8.89 1.20 -9.46
CA ARG A 106 9.47 0.15 -8.62
C ARG A 106 10.86 0.53 -8.13
N ARG A 107 11.73 0.98 -9.05
CA ARG A 107 13.06 1.37 -8.65
C ARG A 107 13.04 2.65 -7.84
N CYS A 108 12.19 3.59 -8.21
CA CYS A 108 12.23 4.91 -7.60
C CYS A 108 11.38 4.93 -6.32
N HIS A 109 11.09 6.15 -5.85
CA HIS A 109 10.41 6.38 -4.58
C HIS A 109 9.14 5.58 -4.39
N ARG A 110 8.37 5.35 -5.45
CA ARG A 110 7.10 4.66 -5.29
C ARG A 110 7.03 3.30 -5.94
N LYS A 125 12.43 -12.90 3.54
CA LYS A 125 11.56 -13.99 3.14
C LYS A 125 12.33 -15.10 2.43
N ASN A 126 13.25 -14.78 1.53
CA ASN A 126 13.92 -15.83 0.77
C ASN A 126 14.71 -16.73 1.71
N ALA A 127 15.40 -16.14 2.69
CA ALA A 127 16.12 -16.95 3.68
C ALA A 127 15.19 -17.86 4.46
N PHE A 128 13.93 -17.46 4.64
CA PHE A 128 12.93 -18.40 5.16
C PHE A 128 12.68 -19.52 4.17
N ASN A 129 12.32 -19.17 2.93
CA ASN A 129 12.09 -20.18 1.91
C ASN A 129 13.32 -21.04 1.63
N LYS A 130 14.48 -20.65 2.16
CA LYS A 130 15.67 -21.49 2.03
C LYS A 130 15.48 -22.84 2.72
N LEU A 131 14.98 -22.83 3.95
CA LEU A 131 14.65 -24.05 4.67
C LEU A 131 13.13 -24.19 4.79
N GLN A 132 12.54 -24.88 3.81
CA GLN A 132 11.10 -25.08 3.79
C GLN A 132 10.66 -26.04 4.90
N GLU A 133 11.42 -27.11 5.12
CA GLU A 133 10.98 -28.19 6.01
C GLU A 133 11.01 -27.80 7.49
N LYS A 134 11.90 -26.91 7.90
CA LYS A 134 11.99 -26.50 9.29
C LYS A 134 11.37 -25.15 9.55
N GLY A 135 11.33 -24.28 8.54
CA GLY A 135 10.65 -23.02 8.70
C GLY A 135 9.18 -23.19 8.98
N ILE A 136 8.58 -24.28 8.52
CA ILE A 136 7.19 -24.58 8.88
C ILE A 136 7.04 -24.64 10.41
N TYR A 137 8.02 -25.21 11.11
CA TYR A 137 7.98 -25.24 12.57
C TYR A 137 8.35 -23.88 13.17
N LYS A 138 9.42 -23.28 12.65
CA LYS A 138 9.94 -22.05 13.25
C LYS A 138 8.98 -20.88 13.10
N ALA A 139 8.34 -20.75 11.94
CA ALA A 139 7.36 -19.70 11.71
C ALA A 139 6.18 -19.78 12.66
N MET A 140 5.88 -20.98 13.16
CA MET A 140 4.78 -21.16 14.10
C MET A 140 5.27 -21.45 15.50
N SER A 141 6.54 -21.16 15.76
CA SER A 141 7.07 -21.12 17.11
C SER A 141 7.55 -19.73 17.49
N GLU A 142 7.81 -18.87 16.51
CA GLU A 142 8.16 -17.48 16.77
C GLU A 142 6.95 -16.57 16.69
N PHE A 143 5.75 -17.09 16.89
CA PHE A 143 4.61 -16.22 16.75
C PHE A 143 4.47 -15.29 17.95
N ASP A 144 4.87 -15.75 19.14
CA ASP A 144 4.78 -14.92 20.33
C ASP A 144 5.68 -13.70 20.22
N ILE A 145 6.90 -13.89 19.70
CA ILE A 145 7.78 -12.76 19.43
C ILE A 145 7.20 -11.83 18.36
N PHE A 146 6.52 -12.39 17.36
CA PHE A 146 5.82 -11.56 16.39
C PHE A 146 4.78 -10.70 17.09
N ILE A 147 4.05 -11.27 18.05
CA ILE A 147 3.10 -10.51 18.87
C ILE A 147 3.83 -9.42 19.65
N ASN A 148 4.96 -9.76 20.25
CA ASN A 148 5.70 -8.79 21.03
C ASN A 148 6.14 -7.62 20.17
N TYR A 149 6.35 -7.87 18.88
CA TYR A 149 6.87 -6.84 17.98
C TYR A 149 5.74 -6.05 17.34
N ILE A 150 4.62 -6.70 17.03
CA ILE A 150 3.43 -5.95 16.64
C ILE A 150 3.07 -4.99 17.76
N GLU A 151 3.22 -5.44 19.01
CA GLU A 151 3.05 -4.54 20.14
C GLU A 151 4.10 -3.44 20.15
N ALA A 152 5.35 -3.80 19.89
CA ALA A 152 6.44 -2.84 19.96
C ALA A 152 6.30 -1.73 18.93
N TYR A 153 6.10 -2.06 17.65
CA TYR A 153 6.00 -1.03 16.65
C TYR A 153 4.61 -0.45 16.49
N MET A 154 3.58 -1.06 17.05
CA MET A 154 2.34 -0.32 17.15
C MET A 154 2.52 0.79 18.17
N THR A 155 3.30 0.51 19.21
CA THR A 155 3.50 1.56 20.20
C THR A 155 4.37 2.68 19.67
N MET A 156 4.99 2.52 18.50
CA MET A 156 5.58 3.64 17.78
C MET A 156 4.54 4.28 16.86
N LYS A 157 3.85 3.46 16.04
CA LYS A 157 2.87 3.97 15.09
C LYS A 157 1.71 4.71 15.75
N ILE A 158 1.56 4.63 17.08
CA ILE A 158 0.43 5.28 17.75
C ILE A 158 0.79 6.68 18.23
N ARG A 159 1.94 6.82 18.89
CA ARG A 159 2.35 8.13 19.38
C ARG A 159 2.56 9.08 18.21
N ASN A 160 3.09 8.56 17.11
CA ASN A 160 3.38 9.32 15.90
C ASN A 160 3.13 8.41 14.71
N GLU B 4 -37.92 16.89 -42.64
CA GLU B 4 -37.01 17.46 -41.67
C GLU B 4 -35.94 18.29 -42.36
N LEU B 5 -35.16 19.02 -41.58
CA LEU B 5 -34.06 19.82 -42.09
C LEU B 5 -32.73 19.22 -41.66
N PRO B 6 -31.68 19.39 -42.46
CA PRO B 6 -30.39 18.76 -42.12
C PRO B 6 -29.80 19.31 -40.83
N SER B 7 -29.24 18.40 -40.05
CA SER B 7 -28.47 18.74 -38.87
C SER B 7 -27.13 19.37 -39.26
N PRO B 8 -26.49 20.09 -38.34
CA PRO B 8 -25.22 20.73 -38.67
C PRO B 8 -24.16 19.70 -39.00
N PRO B 9 -23.36 19.97 -40.03
CA PRO B 9 -22.38 18.96 -40.46
C PRO B 9 -21.22 18.74 -39.49
N SER B 10 -20.61 19.78 -38.94
CA SER B 10 -19.42 19.59 -38.13
C SER B 10 -19.15 20.79 -37.24
N VAL B 11 -18.75 20.51 -36.00
CA VAL B 11 -18.61 21.52 -34.94
C VAL B 11 -17.27 21.32 -34.24
N TRP B 12 -16.34 22.25 -34.47
CA TRP B 12 -14.97 22.08 -34.00
C TRP B 12 -14.41 23.44 -33.60
N PHE B 13 -13.29 23.41 -32.89
CA PHE B 13 -12.79 24.59 -32.19
C PHE B 13 -11.50 25.11 -32.78
N GLU B 14 -11.46 26.43 -33.01
CA GLU B 14 -10.24 27.17 -33.28
C GLU B 14 -9.97 28.06 -32.07
N ALA B 15 -9.22 27.53 -31.10
CA ALA B 15 -8.98 28.22 -29.84
C ALA B 15 -7.52 28.53 -29.67
N GLU B 16 -7.10 29.76 -29.94
CA GLU B 16 -5.73 30.18 -29.69
C GLU B 16 -5.62 30.60 -28.24
N PHE B 17 -4.49 31.17 -27.84
CA PHE B 17 -4.37 31.56 -26.45
C PHE B 17 -5.47 32.54 -26.11
N PHE B 18 -6.33 32.15 -25.19
CA PHE B 18 -7.43 32.98 -24.70
C PHE B 18 -8.29 33.57 -25.83
N HIS B 19 -8.54 32.79 -26.85
CA HIS B 19 -9.51 33.17 -27.87
C HIS B 19 -10.38 31.97 -28.19
N HIS B 20 -11.34 31.65 -27.33
CA HIS B 20 -12.13 30.44 -27.52
C HIS B 20 -13.30 30.71 -28.45
N ILE B 21 -13.01 30.90 -29.72
CA ILE B 21 -14.05 31.16 -30.70
C ILE B 21 -14.53 29.83 -31.24
N LEU B 22 -15.72 29.44 -30.80
CA LEU B 22 -16.36 28.26 -31.36
C LEU B 22 -16.57 28.48 -32.86
N HIS B 23 -16.36 27.43 -33.63
CA HIS B 23 -16.53 27.51 -35.06
C HIS B 23 -17.37 26.32 -35.49
N TRP B 24 -18.26 26.52 -36.45
CA TRP B 24 -18.90 25.36 -37.05
C TRP B 24 -19.22 25.69 -38.51
N THR B 25 -19.26 24.68 -39.31
CA THR B 25 -19.68 24.91 -40.68
C THR B 25 -21.20 25.08 -40.73
N PRO B 26 -21.69 25.99 -41.56
CA PRO B 26 -23.14 26.18 -41.69
C PRO B 26 -23.78 25.09 -42.54
N ILE B 27 -25.11 25.05 -42.48
CA ILE B 27 -25.90 24.14 -43.32
C ILE B 27 -25.75 24.53 -44.79
N PRO B 28 -25.65 23.58 -45.71
CA PRO B 28 -25.59 23.92 -47.12
C PRO B 28 -26.89 24.51 -47.63
N ASN B 29 -26.76 25.56 -48.43
CA ASN B 29 -27.91 26.23 -49.04
C ASN B 29 -28.84 26.82 -47.98
N GLN B 30 -28.24 27.47 -46.99
CA GLN B 30 -29.02 28.12 -45.95
C GLN B 30 -29.90 29.22 -46.53
N SER B 31 -31.11 29.30 -45.99
CA SER B 31 -32.07 30.33 -46.37
C SER B 31 -31.72 31.67 -45.72
N GLU B 32 -32.33 32.73 -46.25
CA GLU B 32 -32.31 34.00 -45.54
C GLU B 32 -32.98 33.88 -44.18
N SER B 33 -33.89 32.93 -44.01
CA SER B 33 -34.52 32.65 -42.74
C SER B 33 -33.70 31.71 -41.87
N THR B 34 -32.60 31.19 -42.40
CA THR B 34 -31.80 30.21 -41.67
C THR B 34 -31.17 30.82 -40.44
N CYS B 35 -31.13 30.05 -39.36
CA CYS B 35 -30.47 30.42 -38.12
C CYS B 35 -29.80 29.19 -37.54
N TYR B 36 -28.89 29.40 -36.61
CA TYR B 36 -28.28 28.30 -35.90
C TYR B 36 -28.38 28.57 -34.42
N GLU B 37 -28.77 27.56 -33.68
CA GLU B 37 -28.60 27.59 -32.24
C GLU B 37 -27.14 27.34 -31.89
N VAL B 38 -26.78 27.75 -30.69
CA VAL B 38 -25.46 27.53 -30.12
C VAL B 38 -25.67 27.02 -28.71
N ALA B 39 -24.88 26.06 -28.30
CA ALA B 39 -25.00 25.55 -26.94
C ALA B 39 -23.62 25.27 -26.41
N LEU B 40 -23.56 25.01 -25.11
CA LEU B 40 -22.31 24.76 -24.43
C LEU B 40 -22.60 23.76 -23.33
N LEU B 41 -21.56 23.07 -22.90
CA LEU B 41 -21.69 22.19 -21.75
C LEU B 41 -20.33 22.15 -21.10
N ARG B 42 -20.31 22.10 -19.78
CA ARG B 42 -19.07 21.89 -19.06
C ARG B 42 -19.18 20.57 -18.34
N TYR B 43 -18.07 19.86 -18.29
CA TYR B 43 -18.06 18.60 -17.56
C TYR B 43 -18.31 18.87 -16.09
N GLY B 44 -19.10 17.99 -15.46
CA GLY B 44 -19.64 18.16 -14.14
C GLY B 44 -21.10 18.57 -14.13
N ILE B 45 -21.57 19.20 -15.20
CA ILE B 45 -22.98 19.52 -15.39
C ILE B 45 -23.62 18.43 -16.23
N GLU B 46 -24.86 18.08 -15.90
CA GLU B 46 -25.52 17.02 -16.66
C GLU B 46 -26.20 17.52 -17.92
N SER B 47 -26.46 18.82 -18.07
CA SER B 47 -27.14 19.28 -19.27
C SER B 47 -26.65 20.65 -19.73
N TRP B 48 -26.86 20.91 -21.01
CA TRP B 48 -26.29 22.06 -21.71
C TRP B 48 -26.77 23.39 -21.12
N ASN B 49 -26.13 24.45 -21.60
CA ASN B 49 -26.46 25.84 -21.34
C ASN B 49 -26.62 26.51 -22.69
N SER B 50 -27.47 27.52 -22.76
CA SER B 50 -27.70 28.12 -24.06
C SER B 50 -26.94 29.44 -24.20
N ILE B 51 -26.73 29.85 -25.45
CA ILE B 51 -26.08 31.09 -25.79
C ILE B 51 -27.00 32.02 -26.57
N SER B 52 -27.82 31.47 -27.46
CA SER B 52 -28.76 32.27 -28.23
C SER B 52 -29.81 31.36 -28.85
N ASN B 53 -31.01 31.92 -29.05
CA ASN B 53 -32.02 31.23 -29.83
C ASN B 53 -31.59 31.12 -31.29
N CYS B 54 -30.97 32.17 -31.82
CA CYS B 54 -30.38 32.15 -33.15
C CYS B 54 -29.03 32.80 -33.11
N SER B 55 -28.04 32.10 -33.64
CA SER B 55 -26.85 32.72 -34.18
C SER B 55 -26.87 32.50 -35.68
N GLN B 56 -26.90 33.58 -36.45
CA GLN B 56 -26.88 33.43 -37.89
C GLN B 56 -25.47 33.29 -38.43
N THR B 57 -24.49 33.87 -37.74
CA THR B 57 -23.11 33.83 -38.21
C THR B 57 -22.58 32.40 -38.15
N LEU B 58 -21.51 32.16 -38.92
CA LEU B 58 -20.92 30.83 -38.95
C LEU B 58 -20.21 30.48 -37.65
N SER B 59 -19.93 31.44 -36.79
CA SER B 59 -19.08 31.20 -35.63
C SER B 59 -19.43 32.17 -34.52
N TYR B 60 -19.03 31.81 -33.31
CA TYR B 60 -19.42 32.58 -32.13
C TYR B 60 -18.43 32.38 -30.98
N ASP B 61 -17.92 33.48 -30.44
CA ASP B 61 -17.02 33.44 -29.29
C ASP B 61 -17.76 33.10 -27.99
N LEU B 62 -17.31 32.06 -27.31
CA LEU B 62 -17.78 31.68 -25.99
C LEU B 62 -16.80 32.07 -24.90
N THR B 63 -15.82 32.91 -25.20
CA THR B 63 -14.72 33.14 -24.27
C THR B 63 -15.21 33.50 -22.88
N ALA B 64 -16.23 34.37 -22.80
CA ALA B 64 -16.66 34.93 -21.52
C ALA B 64 -17.15 33.89 -20.53
N VAL B 65 -17.75 32.80 -21.00
CA VAL B 65 -18.11 31.71 -20.11
C VAL B 65 -16.97 30.70 -19.98
N THR B 66 -16.11 30.59 -20.99
CA THR B 66 -15.00 29.64 -21.01
C THR B 66 -13.74 30.15 -20.32
N LEU B 67 -13.83 31.27 -19.59
CA LEU B 67 -12.66 31.81 -18.90
C LEU B 67 -12.01 30.80 -17.98
N ASP B 68 -12.79 29.88 -17.43
CA ASP B 68 -12.29 28.89 -16.50
C ASP B 68 -11.73 27.67 -17.19
N LEU B 69 -11.44 27.75 -18.49
CA LEU B 69 -11.07 26.56 -19.24
C LEU B 69 -9.86 25.85 -18.66
N TYR B 70 -8.85 26.59 -18.25
CA TYR B 70 -7.61 25.97 -17.79
C TYR B 70 -7.76 25.16 -16.50
N HIS B 71 -8.30 25.73 -15.43
CA HIS B 71 -8.52 24.86 -14.25
C HIS B 71 -9.64 23.86 -14.50
N SER B 72 -10.69 24.26 -15.20
CA SER B 72 -11.81 23.35 -15.44
C SER B 72 -11.37 22.18 -16.30
N ASN B 73 -11.90 20.99 -15.99
CA ASN B 73 -11.58 19.78 -16.72
C ASN B 73 -11.73 19.96 -18.22
N GLY B 74 -12.73 20.71 -18.65
CA GLY B 74 -12.91 20.93 -20.07
C GLY B 74 -14.29 21.46 -20.37
N TYR B 75 -14.62 21.43 -21.66
CA TYR B 75 -15.92 21.88 -22.12
C TYR B 75 -16.32 21.03 -23.31
N ARG B 76 -17.63 20.96 -23.53
CA ARG B 76 -18.20 20.29 -24.69
C ARG B 76 -19.32 21.16 -25.23
N ALA B 77 -19.38 21.33 -26.54
CA ALA B 77 -20.33 22.26 -27.14
C ALA B 77 -21.01 21.59 -28.30
N ARG B 78 -22.08 22.23 -28.79
CA ARG B 78 -22.82 21.66 -29.90
C ARG B 78 -23.59 22.75 -30.61
N VAL B 79 -24.20 22.37 -31.73
CA VAL B 79 -25.03 23.25 -32.54
C VAL B 79 -26.24 22.44 -32.99
N ARG B 80 -27.36 23.12 -33.21
CA ARG B 80 -28.42 22.57 -34.02
C ARG B 80 -28.90 23.63 -35.00
N ALA B 81 -29.15 23.23 -36.24
CA ALA B 81 -29.66 24.17 -37.21
C ALA B 81 -31.15 24.39 -36.98
N VAL B 82 -31.62 25.59 -37.31
CA VAL B 82 -33.03 25.94 -37.25
C VAL B 82 -33.36 26.83 -38.44
N ASP B 83 -34.59 26.71 -38.91
CA ASP B 83 -35.14 27.60 -39.94
C ASP B 83 -36.48 28.09 -39.40
N GLY B 84 -36.43 29.11 -38.55
CA GLY B 84 -37.65 29.57 -37.90
C GLY B 84 -38.18 28.54 -36.92
N SER B 85 -39.45 28.20 -37.06
CA SER B 85 -40.10 27.28 -36.13
C SER B 85 -39.52 25.87 -36.23
N ARG B 86 -39.18 25.42 -37.43
CA ARG B 86 -38.77 24.03 -37.65
C ARG B 86 -37.27 23.89 -37.43
N HIS B 87 -36.88 22.92 -36.63
CA HIS B 87 -35.51 22.81 -36.15
C HIS B 87 -34.95 21.44 -36.46
N SER B 88 -33.66 21.41 -36.82
CA SER B 88 -32.94 20.16 -36.99
C SER B 88 -32.36 19.67 -35.66
N ASN B 89 -31.82 18.46 -35.70
CA ASN B 89 -31.16 17.86 -34.56
C ASN B 89 -29.74 18.39 -34.40
N TRP B 90 -29.16 18.11 -33.25
CA TRP B 90 -27.89 18.70 -32.86
C TRP B 90 -26.71 18.00 -33.49
N THR B 91 -25.63 18.75 -33.68
CA THR B 91 -24.31 18.23 -34.00
C THR B 91 -23.37 18.66 -32.88
N VAL B 92 -22.50 17.76 -32.42
CA VAL B 92 -21.78 17.98 -31.18
C VAL B 92 -20.29 17.85 -31.45
N THR B 93 -19.49 18.38 -30.54
CA THR B 93 -18.05 18.29 -30.63
C THR B 93 -17.65 16.90 -30.15
N ASN B 94 -17.29 16.04 -31.11
CA ASN B 94 -16.91 14.68 -30.81
C ASN B 94 -15.81 14.59 -29.75
N THR B 95 -14.86 15.50 -29.79
CA THR B 95 -13.69 15.48 -28.91
C THR B 95 -13.83 16.59 -27.89
N ARG B 96 -13.95 16.22 -26.62
CA ARG B 96 -14.21 17.22 -25.60
C ARG B 96 -13.10 18.26 -25.55
N PHE B 97 -13.52 19.52 -25.50
CA PHE B 97 -12.63 20.67 -25.55
C PHE B 97 -11.97 20.87 -24.20
N SER B 98 -10.69 20.55 -24.11
CA SER B 98 -9.92 20.69 -22.88
C SER B 98 -8.72 21.59 -23.13
N VAL B 99 -7.89 21.76 -22.09
CA VAL B 99 -6.69 22.59 -22.21
C VAL B 99 -5.77 22.07 -23.30
N ASP B 100 -5.75 20.76 -23.53
CA ASP B 100 -4.86 20.19 -24.53
C ASP B 100 -5.24 20.60 -25.94
N GLU B 101 -6.34 21.31 -26.11
CA GLU B 101 -6.70 21.78 -27.42
C GLU B 101 -6.15 23.16 -27.73
N VAL B 102 -5.69 23.91 -26.72
CA VAL B 102 -5.43 25.33 -26.92
C VAL B 102 -4.07 25.52 -27.57
N THR B 103 -4.08 26.13 -28.74
CA THR B 103 -2.86 26.47 -29.46
C THR B 103 -2.13 27.62 -28.78
N LEU B 104 -0.90 27.38 -28.34
CA LEU B 104 -0.14 28.32 -27.53
C LEU B 104 0.60 29.36 -28.40
N THR B 105 0.93 30.49 -27.78
CA THR B 105 1.66 31.58 -28.43
C THR B 105 2.17 32.51 -27.32
N VAL B 106 3.16 33.34 -27.64
CA VAL B 106 3.73 34.25 -26.66
C VAL B 106 3.19 35.65 -26.90
N GLY B 107 3.54 36.57 -26.00
CA GLY B 107 2.97 37.92 -26.03
C GLY B 107 3.72 38.88 -26.91
N SER B 108 5.03 38.93 -26.79
CA SER B 108 5.81 39.73 -27.73
C SER B 108 7.27 39.35 -27.62
N VAL B 109 8.02 39.72 -28.66
CA VAL B 109 9.46 39.53 -28.72
C VAL B 109 10.09 40.79 -29.30
N ASN B 110 11.40 40.91 -29.10
CA ASN B 110 12.11 42.10 -29.50
C ASN B 110 13.54 41.71 -29.84
N LEU B 111 14.23 42.63 -30.52
CA LEU B 111 15.65 42.46 -30.84
C LEU B 111 16.38 43.73 -30.44
N GLU B 112 17.49 43.57 -29.73
CA GLU B 112 18.26 44.71 -29.27
C GLU B 112 19.75 44.39 -29.40
N ILE B 113 20.54 45.45 -29.51
CA ILE B 113 21.99 45.34 -29.65
C ILE B 113 22.63 45.99 -28.44
N HIS B 114 23.54 45.28 -27.80
CA HIS B 114 24.31 45.82 -26.69
C HIS B 114 25.76 46.00 -27.11
N ASN B 115 26.57 46.52 -26.19
CA ASN B 115 27.98 46.76 -26.46
C ASN B 115 28.70 45.47 -26.83
N GLY B 116 28.45 44.40 -26.09
CA GLY B 116 29.11 43.14 -26.36
C GLY B 116 28.27 41.99 -26.87
N PHE B 117 26.94 42.17 -26.99
CA PHE B 117 26.13 41.01 -27.34
C PHE B 117 24.75 41.43 -27.81
N ILE B 118 24.06 40.44 -28.41
CA ILE B 118 22.65 40.53 -28.77
C ILE B 118 21.82 39.96 -27.63
N LEU B 119 20.55 40.35 -27.56
CA LEU B 119 19.66 39.79 -26.55
C LEU B 119 18.25 39.73 -27.10
N GLY B 120 17.44 38.86 -26.50
CA GLY B 120 16.01 38.83 -26.74
C GLY B 120 15.21 38.58 -25.47
N LYS B 121 14.15 39.33 -25.28
CA LYS B 121 13.43 39.37 -24.00
C LYS B 121 11.92 39.38 -24.26
N ILE B 122 11.29 38.22 -24.04
CA ILE B 122 9.91 38.03 -24.45
C ILE B 122 8.94 38.56 -23.40
N GLN B 123 7.72 38.84 -23.85
CA GLN B 123 6.61 39.22 -22.99
C GLN B 123 5.55 38.14 -23.06
N LEU B 124 4.87 37.89 -21.95
CA LEU B 124 3.99 36.74 -21.80
C LEU B 124 2.52 37.13 -21.81
N PRO B 125 1.70 36.58 -22.71
CA PRO B 125 0.35 37.10 -22.92
C PRO B 125 -0.55 36.95 -21.70
N ARG B 126 -1.27 38.01 -21.40
CA ARG B 126 -2.43 38.01 -20.53
C ARG B 126 -3.46 38.97 -21.13
N PRO B 127 -4.57 38.46 -21.65
CA PRO B 127 -5.58 39.35 -22.22
C PRO B 127 -6.46 39.94 -21.13
N LYS B 128 -7.02 41.11 -21.44
CA LYS B 128 -7.87 41.81 -20.48
C LYS B 128 -9.07 40.96 -20.10
N MET B 129 -9.70 40.33 -21.09
CA MET B 129 -10.85 39.48 -20.80
C MET B 129 -10.46 38.34 -19.87
N ALA B 130 -9.24 37.83 -19.99
CA ALA B 130 -8.81 36.82 -19.06
C ALA B 130 -8.80 37.41 -17.65
N PRO B 131 -9.08 36.60 -16.62
CA PRO B 131 -8.89 37.08 -15.25
C PRO B 131 -7.42 37.32 -14.96
N ALA B 132 -7.04 38.59 -14.86
CA ALA B 132 -5.67 39.02 -15.09
C ALA B 132 -4.67 38.39 -14.13
N ASN B 133 -5.11 37.76 -13.04
CA ASN B 133 -4.17 37.05 -12.18
C ASN B 133 -3.41 35.97 -12.95
N ASP B 134 -4.06 35.35 -13.93
CA ASP B 134 -3.47 34.26 -14.69
C ASP B 134 -2.93 34.75 -16.03
N THR B 135 -1.81 34.16 -16.44
CA THR B 135 -1.19 34.49 -17.72
C THR B 135 -0.35 33.30 -18.15
N TYR B 136 0.16 33.38 -19.37
CA TYR B 136 1.00 32.32 -19.92
C TYR B 136 2.04 31.85 -18.93
N GLU B 137 2.52 32.74 -18.07
CA GLU B 137 3.48 32.38 -17.03
C GLU B 137 2.85 31.63 -15.87
N SER B 138 1.56 31.84 -15.62
CA SER B 138 0.98 31.45 -14.35
C SER B 138 0.45 30.02 -14.33
N ILE B 139 -0.18 29.60 -15.40
CA ILE B 139 -0.70 28.24 -15.45
C ILE B 139 0.43 27.24 -15.60
N PHE B 140 1.31 27.48 -16.58
CA PHE B 140 2.42 26.60 -16.93
C PHE B 140 3.61 26.93 -16.01
N SER B 141 3.44 26.56 -14.76
CA SER B 141 4.31 27.09 -13.70
C SER B 141 5.75 26.64 -13.89
N HIS B 142 5.97 25.34 -14.01
CA HIS B 142 7.35 24.85 -14.07
C HIS B 142 7.91 24.78 -15.47
N PHE B 143 7.16 24.26 -16.42
CA PHE B 143 7.69 24.03 -17.76
C PHE B 143 7.24 25.10 -18.73
N ARG B 144 8.20 25.63 -19.49
CA ARG B 144 7.98 26.46 -20.65
C ARG B 144 9.19 26.21 -21.51
N GLU B 145 8.99 26.05 -22.80
CA GLU B 145 10.10 25.78 -23.69
C GLU B 145 9.69 26.31 -25.04
N TYR B 146 10.56 27.08 -25.68
CA TYR B 146 10.21 27.68 -26.94
C TYR B 146 11.38 27.69 -27.91
N GLU B 147 11.10 27.36 -29.17
CA GLU B 147 12.10 27.42 -30.21
C GLU B 147 12.31 28.86 -30.69
N ILE B 148 13.56 29.22 -30.94
CA ILE B 148 13.92 30.52 -31.49
C ILE B 148 14.33 30.34 -32.93
N ALA B 149 13.66 31.04 -33.85
CA ALA B 149 14.16 31.20 -35.20
C ALA B 149 14.77 32.57 -35.39
N ILE B 150 16.02 32.62 -35.85
CA ILE B 150 16.64 33.85 -36.34
C ILE B 150 17.06 33.63 -37.79
N ARG B 151 16.59 34.49 -38.68
CA ARG B 151 17.02 34.44 -40.07
C ARG B 151 17.43 35.83 -40.52
N LYS B 152 18.41 35.86 -41.43
CA LYS B 152 18.65 37.07 -42.19
C LYS B 152 17.42 37.41 -43.04
N VAL B 153 17.32 38.68 -43.42
CA VAL B 153 16.20 39.13 -44.25
C VAL B 153 15.94 38.21 -45.43
N PRO B 154 16.93 37.90 -46.31
CA PRO B 154 16.56 37.02 -47.42
C PRO B 154 16.43 35.56 -47.00
N THR B 160 20.07 28.09 -37.48
CA THR B 160 19.24 29.27 -37.31
C THR B 160 18.24 29.09 -36.17
N HIS B 161 18.02 27.85 -35.76
CA HIS B 161 17.02 27.54 -34.76
C HIS B 161 17.64 26.71 -33.64
N LYS B 162 17.10 26.86 -32.44
CA LYS B 162 17.53 26.04 -31.32
C LYS B 162 16.39 25.96 -30.30
N LYS B 163 16.49 24.99 -29.41
CA LYS B 163 15.51 24.80 -28.35
C LYS B 163 16.06 25.29 -27.03
N VAL B 164 15.32 26.16 -26.34
CA VAL B 164 15.78 26.79 -25.11
C VAL B 164 14.68 26.77 -24.06
N LYS B 165 15.10 26.71 -22.80
CA LYS B 165 14.20 26.71 -21.65
C LYS B 165 13.88 28.11 -21.12
N HIS B 166 14.53 29.16 -21.61
CA HIS B 166 14.48 30.41 -20.87
C HIS B 166 13.99 31.57 -21.73
N GLU B 167 13.28 32.48 -21.06
CA GLU B 167 12.69 33.65 -21.72
C GLU B 167 13.73 34.59 -22.31
N ASN B 168 15.00 34.45 -21.94
CA ASN B 168 16.05 35.34 -22.40
C ASN B 168 17.14 34.52 -23.05
N PHE B 169 17.69 35.02 -24.16
CA PHE B 169 18.78 34.31 -24.79
C PHE B 169 19.71 35.29 -25.48
N SER B 170 20.95 34.85 -25.65
CA SER B 170 21.92 35.50 -26.52
C SER B 170 22.46 34.47 -27.49
N LEU B 171 23.03 34.94 -28.60
CA LEU B 171 23.29 34.07 -29.74
C LEU B 171 24.56 34.52 -30.45
N LEU B 172 24.96 33.69 -31.42
CA LEU B 172 26.21 33.92 -32.14
C LEU B 172 26.32 35.34 -32.68
N THR B 173 25.20 35.97 -32.97
CA THR B 173 25.16 37.36 -33.43
C THR B 173 25.63 38.34 -32.36
N SER B 174 25.97 37.85 -31.16
CA SER B 174 26.43 38.72 -30.08
C SER B 174 27.52 39.68 -30.52
N GLY B 175 28.47 39.19 -31.32
CA GLY B 175 29.54 40.02 -31.81
C GLY B 175 29.54 40.24 -33.31
N GLU B 176 28.38 40.14 -33.95
CA GLU B 176 28.30 40.04 -35.40
C GLU B 176 27.58 41.25 -35.98
N VAL B 177 27.41 41.24 -37.30
CA VAL B 177 26.68 42.28 -38.02
C VAL B 177 25.76 41.62 -39.04
N GLY B 178 24.70 42.36 -39.40
CA GLY B 178 23.72 41.82 -40.34
C GLY B 178 22.29 42.16 -39.99
N GLU B 179 21.39 41.90 -40.92
CA GLU B 179 19.97 42.18 -40.76
C GLU B 179 19.27 40.86 -40.44
N PHE B 180 18.68 40.76 -39.26
CA PHE B 180 18.12 39.50 -38.82
C PHE B 180 16.71 39.68 -38.27
N CYS B 181 15.83 38.75 -38.63
CA CYS B 181 14.46 38.74 -38.18
C CYS B 181 14.25 37.51 -37.30
N VAL B 182 13.34 37.63 -36.33
CA VAL B 182 13.17 36.62 -35.30
C VAL B 182 11.73 36.17 -35.27
N GLN B 183 11.53 34.88 -35.10
CA GLN B 183 10.26 34.32 -34.67
C GLN B 183 10.52 33.44 -33.46
N VAL B 184 9.53 33.35 -32.59
CA VAL B 184 9.56 32.45 -31.45
C VAL B 184 8.33 31.58 -31.48
N LYS B 185 8.51 30.28 -31.32
CA LYS B 185 7.41 29.34 -31.22
C LYS B 185 7.43 28.68 -29.85
N PRO B 186 6.44 28.89 -29.01
CA PRO B 186 6.46 28.31 -27.68
C PRO B 186 5.92 26.89 -27.69
N SER B 187 6.21 26.19 -26.61
CA SER B 187 5.60 24.89 -26.33
C SER B 187 5.65 24.66 -24.84
N VAL B 188 5.16 23.51 -24.42
CA VAL B 188 5.39 23.02 -23.07
C VAL B 188 5.96 21.62 -23.20
N ALA B 189 7.13 21.39 -22.61
CA ALA B 189 7.81 20.11 -22.83
C ALA B 189 7.02 18.95 -22.25
N SER B 190 6.28 19.18 -21.18
CA SER B 190 5.43 18.15 -20.61
C SER B 190 4.14 17.93 -21.36
N ARG B 191 3.92 18.64 -22.46
CA ARG B 191 2.60 18.66 -23.08
C ARG B 191 2.75 18.65 -24.59
N SER B 192 1.67 18.33 -25.27
CA SER B 192 1.72 18.22 -26.72
C SER B 192 0.88 19.28 -27.41
N ASN B 193 0.50 20.34 -26.72
CA ASN B 193 -0.33 21.36 -27.35
C ASN B 193 0.44 21.98 -28.48
N LYS B 194 -0.23 22.22 -29.59
CA LYS B 194 0.47 22.63 -30.81
C LYS B 194 0.71 24.13 -30.76
N GLY B 195 1.89 24.52 -30.30
CA GLY B 195 2.25 25.93 -30.30
C GLY B 195 2.14 26.53 -31.68
N MET B 196 2.19 27.86 -31.72
CA MET B 196 2.11 28.60 -32.97
C MET B 196 3.25 29.60 -33.02
N TRP B 197 3.81 29.79 -34.21
CA TRP B 197 4.87 30.78 -34.36
C TRP B 197 4.39 32.14 -33.90
N SER B 198 5.02 32.65 -32.86
CA SER B 198 4.59 33.88 -32.25
C SER B 198 5.00 35.07 -33.09
N LYS B 199 4.62 36.25 -32.59
CA LYS B 199 4.78 37.50 -33.31
C LYS B 199 6.23 37.73 -33.74
N GLU B 200 6.39 38.26 -34.94
CA GLU B 200 7.70 38.45 -35.54
C GLU B 200 8.40 39.65 -34.94
N GLU B 201 9.71 39.69 -35.17
CA GLU B 201 10.55 40.82 -34.83
C GLU B 201 11.71 40.82 -35.82
N CYS B 202 12.26 42.00 -36.10
CA CYS B 202 13.44 42.06 -36.97
C CYS B 202 14.25 43.31 -36.69
N ILE B 203 15.57 43.16 -36.76
CA ILE B 203 16.52 44.23 -36.48
C ILE B 203 17.75 43.96 -37.33
N SER B 204 18.41 45.03 -37.75
CA SER B 204 19.71 44.92 -38.41
C SER B 204 20.82 45.23 -37.42
N LEU B 205 21.76 44.31 -37.30
CA LEU B 205 22.99 44.57 -36.57
C LEU B 205 24.07 45.17 -37.45
N THR B 206 23.90 45.15 -38.76
CA THR B 206 24.86 45.69 -39.69
C THR B 206 24.97 47.21 -39.54
N VAL C 2 17.97 -28.65 -36.20
CA VAL C 2 17.32 -27.38 -36.50
C VAL C 2 18.25 -26.18 -36.33
N PRO C 3 19.31 -26.13 -37.14
CA PRO C 3 20.36 -25.11 -36.95
C PRO C 3 19.79 -23.72 -36.80
N PRO C 4 19.87 -23.15 -35.61
CA PRO C 4 19.25 -21.85 -35.36
C PRO C 4 20.12 -20.71 -35.85
N PRO C 5 19.57 -19.51 -35.97
CA PRO C 5 20.41 -18.33 -36.18
C PRO C 5 21.05 -17.87 -34.89
N GLU C 6 22.22 -17.25 -35.01
CA GLU C 6 23.05 -16.91 -33.87
C GLU C 6 23.89 -15.69 -34.24
N ASN C 7 24.78 -15.30 -33.32
CA ASN C 7 25.62 -14.12 -33.48
C ASN C 7 24.77 -12.85 -33.55
N VAL C 8 23.91 -12.68 -32.56
CA VAL C 8 23.05 -11.50 -32.50
C VAL C 8 23.87 -10.23 -32.31
N ARG C 9 23.59 -9.23 -33.14
CA ARG C 9 24.07 -7.87 -32.93
C ARG C 9 22.91 -6.93 -33.20
N MET C 10 22.49 -6.21 -32.16
CA MET C 10 21.37 -5.28 -32.23
C MET C 10 21.94 -3.89 -32.18
N ASN C 11 21.58 -3.06 -33.13
CA ASN C 11 22.15 -1.71 -33.22
C ASN C 11 21.08 -0.70 -32.83
N SER C 12 21.25 -0.08 -31.67
CA SER C 12 20.26 0.85 -31.12
C SER C 12 20.67 2.31 -31.27
N VAL C 13 21.58 2.63 -32.20
CA VAL C 13 21.99 4.02 -32.34
C VAL C 13 20.77 4.88 -32.60
N ASN C 14 20.51 5.82 -31.70
CA ASN C 14 19.33 6.66 -31.77
C ASN C 14 18.05 5.84 -31.90
N PHE C 15 17.97 4.78 -31.09
CA PHE C 15 16.75 4.02 -30.83
C PHE C 15 16.18 3.28 -32.03
N LYS C 16 16.97 2.95 -33.05
CA LYS C 16 16.47 2.10 -34.12
C LYS C 16 16.79 0.68 -33.71
N ASN C 17 15.88 0.07 -32.96
CA ASN C 17 16.17 -1.21 -32.31
C ASN C 17 16.01 -2.40 -33.26
N ILE C 18 16.96 -2.51 -34.18
CA ILE C 18 16.99 -3.59 -35.16
C ILE C 18 18.07 -4.60 -34.77
N LEU C 19 17.70 -5.86 -34.77
CA LEU C 19 18.60 -6.96 -34.43
C LEU C 19 19.07 -7.62 -35.73
N GLN C 20 20.06 -8.51 -35.62
CA GLN C 20 20.46 -9.32 -36.76
C GLN C 20 20.99 -10.66 -36.26
N TRP C 21 20.43 -11.77 -36.75
CA TRP C 21 20.91 -13.09 -36.35
C TRP C 21 21.47 -13.95 -37.48
N GLU C 22 21.45 -13.50 -38.73
CA GLU C 22 21.94 -14.30 -39.85
C GLU C 22 21.15 -15.60 -40.04
N SER C 23 19.85 -15.47 -40.35
CA SER C 23 18.99 -16.65 -40.46
C SER C 23 19.63 -17.70 -41.36
N PRO C 24 19.75 -18.95 -40.90
CA PRO C 24 20.43 -19.96 -41.70
C PRO C 24 19.52 -20.52 -42.79
N ALA C 25 20.11 -20.73 -43.95
CA ALA C 25 19.42 -21.24 -45.12
C ALA C 25 19.43 -22.75 -45.19
N PHE C 26 19.79 -23.43 -44.10
CA PHE C 26 19.82 -24.87 -44.08
C PHE C 26 18.41 -25.45 -44.03
N ALA C 27 18.31 -26.75 -44.25
CA ALA C 27 17.02 -27.39 -44.44
C ALA C 27 16.07 -27.13 -43.27
N LYS C 28 16.56 -27.24 -42.04
CA LYS C 28 15.76 -27.03 -40.84
C LYS C 28 15.86 -25.61 -40.27
N GLY C 29 16.52 -24.69 -40.95
CA GLY C 29 16.70 -23.36 -40.42
C GLY C 29 15.87 -22.23 -40.99
N GLN C 30 14.91 -22.53 -41.89
CA GLN C 30 14.12 -21.47 -42.50
C GLN C 30 12.72 -21.29 -41.90
N LEU C 31 12.08 -22.36 -41.44
CA LEU C 31 10.66 -22.29 -41.16
C LEU C 31 10.38 -21.44 -39.89
N THR C 32 9.09 -21.23 -39.64
CA THR C 32 8.56 -20.08 -38.92
C THR C 32 9.21 -19.86 -37.56
N PHE C 33 9.18 -18.60 -37.12
CA PHE C 33 9.70 -18.15 -35.85
C PHE C 33 8.88 -16.96 -35.39
N THR C 34 8.89 -16.72 -34.08
CA THR C 34 8.10 -15.65 -33.47
C THR C 34 9.00 -14.83 -32.55
N ALA C 35 8.60 -13.59 -32.31
CA ALA C 35 9.32 -12.69 -31.41
C ALA C 35 8.33 -12.14 -30.42
N GLN C 36 8.01 -12.94 -29.43
CA GLN C 36 7.06 -12.53 -28.41
C GLN C 36 7.69 -11.46 -27.53
N TYR C 37 6.88 -10.60 -26.95
CA TYR C 37 7.42 -9.56 -26.10
C TYR C 37 6.72 -9.55 -24.76
N LEU C 38 7.34 -8.85 -23.81
CA LEU C 38 6.70 -8.69 -22.52
C LEU C 38 5.77 -7.51 -22.65
N SER C 39 4.61 -7.77 -23.21
CA SER C 39 3.58 -6.76 -23.25
C SER C 39 3.14 -6.46 -21.84
N TYR C 40 2.53 -5.29 -21.66
CA TYR C 40 2.12 -4.86 -20.34
C TYR C 40 1.60 -6.02 -19.50
N ARG C 41 0.69 -6.81 -20.04
CA ARG C 41 0.41 -8.08 -19.36
C ARG C 41 0.35 -9.27 -20.32
N ILE C 42 -0.29 -9.10 -21.47
CA ILE C 42 -0.66 -10.24 -22.30
C ILE C 42 0.55 -11.04 -22.74
N PHE C 43 1.68 -10.38 -23.00
CA PHE C 43 2.92 -11.04 -23.46
C PHE C 43 2.81 -11.50 -24.91
N GLN C 44 2.37 -10.60 -25.78
CA GLN C 44 2.01 -11.00 -27.14
C GLN C 44 3.20 -11.08 -28.10
N ASP C 45 2.88 -11.63 -29.27
CA ASP C 45 3.73 -11.73 -30.46
C ASP C 45 3.85 -10.38 -31.15
N LYS C 46 5.06 -10.07 -31.64
CA LYS C 46 5.26 -8.79 -32.33
C LYS C 46 6.02 -8.88 -33.66
N CYS C 47 6.14 -10.06 -34.28
CA CYS C 47 6.52 -10.11 -35.70
C CYS C 47 6.24 -11.51 -36.19
N MET C 48 5.84 -11.62 -37.46
CA MET C 48 5.73 -12.92 -38.11
C MET C 48 7.05 -13.25 -38.84
N GLN C 49 7.10 -14.44 -39.43
CA GLN C 49 8.31 -14.96 -40.07
C GLN C 49 8.79 -14.05 -41.18
N THR C 50 10.02 -13.56 -41.04
CA THR C 50 10.71 -12.82 -42.09
C THR C 50 11.98 -13.58 -42.43
N THR C 51 12.14 -13.93 -43.70
CA THR C 51 13.29 -14.73 -44.11
C THR C 51 14.57 -14.15 -43.51
N LEU C 52 14.71 -12.84 -43.59
CA LEU C 52 15.66 -12.10 -42.77
C LEU C 52 15.20 -12.13 -41.31
N THR C 53 16.02 -12.71 -40.43
CA THR C 53 15.70 -12.77 -39.00
C THR C 53 15.54 -11.39 -38.37
N GLU C 54 16.08 -10.36 -39.00
CA GLU C 54 16.15 -9.00 -38.47
C GLU C 54 14.86 -8.21 -38.65
N CYS C 55 13.79 -8.66 -37.99
CA CYS C 55 12.58 -7.85 -37.97
C CYS C 55 12.88 -6.55 -37.24
N ASP C 56 12.41 -5.45 -37.78
CA ASP C 56 12.52 -4.19 -37.07
C ASP C 56 11.63 -4.21 -35.83
N PHE C 57 12.11 -3.57 -34.77
CA PHE C 57 11.32 -3.39 -33.57
C PHE C 57 11.40 -1.97 -33.03
N SER C 58 11.68 -0.98 -33.88
CA SER C 58 11.71 0.41 -33.43
C SER C 58 10.49 0.82 -32.63
N SER C 59 9.36 0.15 -32.81
CA SER C 59 8.14 0.50 -32.09
C SER C 59 8.31 0.44 -30.58
N LEU C 60 9.25 -0.37 -30.09
CA LEU C 60 9.43 -0.54 -28.65
C LEU C 60 9.66 0.80 -27.97
N SER C 61 9.18 0.93 -26.73
CA SER C 61 9.28 2.22 -26.09
C SER C 61 10.74 2.55 -25.77
N LYS C 62 11.02 3.84 -25.63
CA LYS C 62 12.38 4.31 -25.38
C LYS C 62 12.83 4.50 -23.92
N TYR C 63 11.92 4.38 -22.95
CA TYR C 63 12.37 4.56 -21.57
C TYR C 63 12.21 3.37 -20.66
N GLY C 64 11.38 2.40 -21.01
CA GLY C 64 11.19 1.25 -20.15
C GLY C 64 12.21 0.19 -20.42
N ASP C 65 11.78 -1.07 -20.38
CA ASP C 65 12.61 -2.19 -20.77
C ASP C 65 11.70 -3.17 -21.49
N HIS C 66 12.27 -3.97 -22.38
CA HIS C 66 11.48 -4.91 -23.14
C HIS C 66 12.16 -6.26 -23.16
N THR C 67 11.40 -7.30 -22.84
CA THR C 67 11.90 -8.64 -23.03
C THR C 67 11.84 -8.96 -24.51
N LEU C 68 12.82 -9.69 -24.99
CA LEU C 68 12.90 -10.05 -26.39
C LEU C 68 12.62 -11.53 -26.56
N ARG C 69 11.67 -12.06 -25.79
CA ARG C 69 11.44 -13.49 -25.84
C ARG C 69 11.21 -13.88 -27.27
N VAL C 70 11.99 -14.82 -27.77
CA VAL C 70 11.89 -15.18 -29.18
C VAL C 70 11.96 -16.68 -29.26
N ARG C 71 11.45 -17.21 -30.36
CA ARG C 71 11.48 -18.62 -30.62
C ARG C 71 11.74 -18.78 -32.10
N ALA C 72 12.09 -19.99 -32.49
CA ALA C 72 12.14 -20.36 -33.88
C ALA C 72 11.70 -21.81 -33.93
N GLU C 73 11.11 -22.22 -35.04
CA GLU C 73 10.57 -23.56 -35.03
C GLU C 73 10.34 -24.07 -36.45
N PHE C 74 10.36 -25.40 -36.57
CA PHE C 74 9.84 -26.06 -37.74
C PHE C 74 8.36 -26.28 -37.44
N ALA C 75 7.61 -26.85 -38.40
CA ALA C 75 6.22 -27.17 -38.10
C ALA C 75 6.12 -28.11 -36.91
N ASP C 76 7.06 -29.05 -36.83
CA ASP C 76 7.04 -30.07 -35.79
C ASP C 76 8.22 -30.01 -34.82
N GLU C 77 9.02 -28.95 -34.90
CA GLU C 77 10.18 -28.80 -34.02
C GLU C 77 10.47 -27.33 -33.74
N HIS C 78 10.89 -27.05 -32.51
CA HIS C 78 11.21 -25.68 -32.11
C HIS C 78 12.71 -25.45 -32.07
N SER C 79 13.16 -24.33 -32.63
CA SER C 79 14.57 -23.99 -32.65
C SER C 79 14.98 -23.22 -31.40
N ASP C 80 16.25 -22.83 -31.34
CA ASP C 80 16.76 -22.07 -30.20
C ASP C 80 16.47 -20.58 -30.35
N TRP C 81 16.81 -19.81 -29.32
CA TRP C 81 16.58 -18.37 -29.34
C TRP C 81 17.53 -17.63 -28.41
N VAL C 82 17.61 -16.30 -28.60
CA VAL C 82 18.61 -15.44 -27.95
C VAL C 82 17.89 -14.22 -27.36
N GLN C 83 17.42 -14.34 -26.11
CA GLN C 83 16.61 -13.30 -25.47
C GLN C 83 17.46 -12.17 -24.93
N ILE C 84 17.70 -11.15 -25.74
CA ILE C 84 18.40 -9.99 -25.25
C ILE C 84 17.36 -9.03 -24.67
N THR C 85 17.48 -8.76 -23.39
CA THR C 85 16.61 -7.80 -22.73
C THR C 85 17.13 -6.40 -23.03
N PHE C 86 16.25 -5.50 -23.45
CA PHE C 86 16.69 -4.14 -23.72
C PHE C 86 16.15 -3.16 -22.70
N CYS C 87 16.87 -2.03 -22.63
CA CYS C 87 16.43 -0.84 -21.91
C CYS C 87 16.95 0.33 -22.72
N PRO C 88 16.34 0.59 -23.87
CA PRO C 88 16.96 1.47 -24.88
C PRO C 88 17.55 2.76 -24.38
N VAL C 89 17.05 3.29 -23.27
CA VAL C 89 17.61 4.53 -22.76
C VAL C 89 19.05 4.31 -22.28
N ASP C 90 19.27 3.28 -21.48
CA ASP C 90 20.60 2.90 -21.07
C ASP C 90 21.34 1.98 -22.04
N ASP C 91 20.66 0.99 -22.60
CA ASP C 91 21.35 0.00 -23.42
C ASP C 91 21.30 0.40 -24.89
N THR C 92 22.12 1.40 -25.22
CA THR C 92 22.11 1.89 -26.58
C THR C 92 23.41 2.61 -26.87
N ILE C 93 23.55 3.02 -28.13
CA ILE C 93 24.67 3.79 -28.66
C ILE C 93 24.15 5.20 -28.88
N ILE C 94 25.05 6.18 -28.86
CA ILE C 94 24.70 7.56 -29.15
C ILE C 94 25.27 7.92 -30.50
N GLY C 95 24.44 8.51 -31.36
CA GLY C 95 24.84 8.78 -32.71
C GLY C 95 25.93 9.81 -32.80
N PRO C 96 26.56 9.91 -33.95
CA PRO C 96 27.55 10.96 -34.15
C PRO C 96 26.87 12.31 -34.29
N PRO C 97 27.24 13.28 -33.47
CA PRO C 97 26.65 14.62 -33.59
C PRO C 97 26.88 15.20 -34.96
N GLY C 98 25.99 16.12 -35.32
CA GLY C 98 26.18 17.00 -36.45
C GLY C 98 26.65 18.37 -36.01
N MET C 99 26.52 19.34 -36.91
CA MET C 99 26.88 20.70 -36.54
C MET C 99 26.39 21.66 -37.61
N GLN C 100 26.21 22.91 -37.21
CA GLN C 100 26.06 24.03 -38.14
C GLN C 100 27.38 24.79 -38.13
N VAL C 101 27.89 25.07 -39.32
CA VAL C 101 29.31 25.33 -39.50
C VAL C 101 29.51 26.71 -40.10
N GLU C 102 30.60 27.36 -39.69
CA GLU C 102 30.96 28.66 -40.19
C GLU C 102 31.85 28.54 -41.42
N VAL C 103 31.78 29.57 -42.27
CA VAL C 103 32.63 29.65 -43.45
C VAL C 103 33.67 30.75 -43.34
N LEU C 104 33.52 31.70 -42.43
CA LEU C 104 34.48 32.79 -42.30
C LEU C 104 35.86 32.26 -41.98
N ALA C 105 36.85 32.65 -42.80
CA ALA C 105 38.23 32.30 -42.53
C ALA C 105 38.75 33.02 -41.30
N ASP C 106 38.51 34.33 -41.21
CA ASP C 106 39.11 35.12 -40.14
C ASP C 106 38.61 34.71 -38.77
N SER C 107 37.43 34.09 -38.69
CA SER C 107 36.95 33.51 -37.45
C SER C 107 36.01 32.36 -37.79
N LEU C 108 36.34 31.17 -37.34
CA LEU C 108 35.46 30.03 -37.46
C LEU C 108 34.40 30.03 -36.35
N HIS C 109 33.33 29.29 -36.61
CA HIS C 109 32.29 29.01 -35.63
C HIS C 109 31.68 27.66 -35.96
N MET C 110 31.13 27.02 -34.93
CA MET C 110 30.34 25.81 -35.11
C MET C 110 29.16 25.87 -34.16
N ARG C 111 27.96 25.96 -34.70
CA ARG C 111 26.77 25.68 -33.92
C ARG C 111 26.58 24.18 -33.90
N PHE C 112 26.50 23.62 -32.71
CA PHE C 112 26.45 22.18 -32.59
C PHE C 112 25.04 21.67 -32.86
N LEU C 113 24.96 20.45 -33.38
CA LEU C 113 23.66 19.85 -33.68
C LEU C 113 23.70 18.36 -33.40
N ALA C 114 22.60 17.85 -32.90
CA ALA C 114 22.48 16.51 -32.35
C ALA C 114 21.94 15.53 -33.36
N PRO C 115 22.06 14.23 -33.11
CA PRO C 115 21.30 13.25 -33.87
C PRO C 115 19.81 13.38 -33.63
N LYS C 116 19.03 12.87 -34.58
CA LYS C 116 17.58 12.98 -34.56
C LYS C 116 16.98 11.59 -34.55
N ILE C 117 15.93 11.41 -33.73
CA ILE C 117 15.29 10.10 -33.63
C ILE C 117 14.42 9.91 -34.86
N GLU C 118 14.38 8.68 -35.38
CA GLU C 118 13.56 8.36 -36.54
C GLU C 118 12.16 7.95 -36.08
N ASN C 119 11.44 8.92 -35.52
CA ASN C 119 10.08 8.71 -35.05
C ASN C 119 9.09 8.93 -36.18
N GLU C 120 8.37 7.86 -36.53
CA GLU C 120 7.42 7.94 -37.63
C GLU C 120 6.32 8.96 -37.36
N TYR C 121 5.90 9.12 -36.11
CA TYR C 121 4.76 9.98 -35.86
C TYR C 121 5.13 11.45 -35.68
N GLU C 122 6.18 11.73 -34.92
CA GLU C 122 6.55 13.09 -34.61
C GLU C 122 8.03 13.28 -34.86
N THR C 123 8.54 14.46 -34.54
CA THR C 123 9.95 14.79 -34.74
C THR C 123 10.61 15.03 -33.39
N TRP C 124 11.75 14.37 -33.16
CA TRP C 124 12.49 14.51 -31.91
C TRP C 124 13.97 14.61 -32.19
N THR C 125 14.70 15.14 -31.22
CA THR C 125 16.14 15.24 -31.25
C THR C 125 16.69 14.56 -30.00
N MET C 126 17.84 13.91 -30.11
CA MET C 126 18.38 13.19 -28.96
C MET C 126 18.50 14.09 -27.75
N LYS C 127 18.74 15.38 -27.96
CA LYS C 127 18.88 16.31 -26.84
C LYS C 127 17.61 16.30 -26.02
N ASN C 128 16.46 16.22 -26.69
CA ASN C 128 15.19 16.17 -26.00
C ASN C 128 15.13 15.00 -25.02
N VAL C 129 15.60 13.84 -25.44
CA VAL C 129 15.48 12.64 -24.62
C VAL C 129 16.34 12.72 -23.37
N TYR C 130 17.58 13.15 -23.52
CA TYR C 130 18.51 13.22 -22.40
C TYR C 130 18.53 14.66 -21.96
N ASN C 131 18.19 14.90 -20.69
CA ASN C 131 17.91 16.27 -20.28
C ASN C 131 19.15 17.06 -19.99
N SER C 132 20.23 16.40 -19.59
CA SER C 132 21.44 17.08 -19.18
C SER C 132 22.51 17.07 -20.27
N TRP C 133 22.11 16.79 -21.52
CA TRP C 133 23.04 16.71 -22.63
C TRP C 133 24.02 17.87 -22.60
N THR C 134 25.28 17.56 -22.88
CA THR C 134 26.27 18.60 -23.09
C THR C 134 27.36 18.05 -24.00
N TYR C 135 27.52 18.67 -25.16
CA TYR C 135 28.52 18.25 -26.12
C TYR C 135 29.92 18.27 -25.54
N ASN C 136 30.79 17.43 -26.09
CA ASN C 136 32.22 17.53 -25.86
C ASN C 136 32.94 17.53 -27.19
N VAL C 137 33.64 18.63 -27.48
CA VAL C 137 34.57 18.71 -28.60
C VAL C 137 35.95 18.52 -28.04
N GLN C 138 36.65 17.49 -28.51
CA GLN C 138 37.96 17.19 -27.98
C GLN C 138 38.92 16.90 -29.13
N TYR C 139 39.79 17.87 -29.40
CA TYR C 139 40.80 17.69 -30.42
C TYR C 139 41.98 18.58 -30.07
N TRP C 140 43.11 18.24 -30.67
CA TRP C 140 44.41 18.85 -30.40
C TRP C 140 44.39 20.37 -30.34
N GLN C 149 41.91 18.72 -22.13
CA GLN C 149 41.51 18.88 -23.52
C GLN C 149 40.31 19.83 -23.60
N ILE C 150 40.13 20.41 -24.78
CA ILE C 150 39.05 21.36 -25.05
C ILE C 150 37.70 20.74 -24.72
N THR C 151 36.72 21.60 -24.40
CA THR C 151 35.37 21.25 -24.01
C THR C 151 34.53 22.39 -24.54
N PRO C 152 33.34 22.11 -25.08
CA PRO C 152 32.53 23.17 -25.68
C PRO C 152 32.05 24.18 -24.65
N GLN C 153 31.86 25.39 -25.15
CA GLN C 153 31.26 26.44 -24.36
C GLN C 153 29.80 26.06 -24.12
N TYR C 154 29.17 26.75 -23.17
CA TYR C 154 27.83 26.42 -22.69
C TYR C 154 26.96 25.82 -23.80
N ASP C 155 26.91 26.45 -24.97
CA ASP C 155 26.18 25.86 -26.07
C ASP C 155 26.95 25.69 -27.38
N PHE C 156 27.63 26.73 -27.85
CA PHE C 156 28.23 26.74 -29.18
C PHE C 156 29.66 27.26 -29.20
N GLU C 157 30.37 26.92 -30.28
CA GLU C 157 31.77 27.27 -30.48
C GLU C 157 31.94 28.43 -31.45
N VAL C 158 32.76 29.41 -31.08
CA VAL C 158 33.15 30.51 -31.93
C VAL C 158 34.67 30.64 -31.88
N LEU C 159 35.28 30.84 -33.05
CA LEU C 159 36.74 30.85 -33.16
C LEU C 159 37.36 29.56 -32.65
N GLU C 163 44.60 30.34 -36.13
CA GLU C 163 45.82 29.88 -35.48
C GLU C 163 46.79 29.39 -36.56
N PRO C 164 48.03 28.93 -36.18
CA PRO C 164 48.94 28.44 -37.23
C PRO C 164 48.29 27.40 -38.13
N TRP C 165 48.86 27.15 -39.30
CA TRP C 165 48.22 26.27 -40.26
C TRP C 165 48.42 24.84 -39.77
N THR C 166 47.52 24.40 -38.89
CA THR C 166 47.55 23.06 -38.33
C THR C 166 46.35 22.27 -38.82
N THR C 167 46.61 21.05 -39.28
CA THR C 167 45.57 20.18 -39.80
C THR C 167 44.91 19.33 -38.72
N TYR C 168 45.45 19.34 -37.50
CA TYR C 168 44.72 18.77 -36.39
C TYR C 168 43.45 19.58 -36.18
N CYS C 169 42.30 18.90 -36.18
CA CYS C 169 41.04 19.61 -36.41
C CYS C 169 39.87 18.92 -35.72
N VAL C 170 38.76 19.65 -35.69
CA VAL C 170 37.64 19.39 -34.79
C VAL C 170 37.14 17.95 -34.87
N GLN C 171 36.73 17.44 -33.71
CA GLN C 171 35.79 16.34 -33.61
C GLN C 171 34.88 16.62 -32.42
N VAL C 172 33.64 16.14 -32.52
CA VAL C 172 32.60 16.49 -31.56
C VAL C 172 31.84 15.22 -31.19
N ARG C 173 31.41 15.13 -29.94
CA ARG C 173 30.60 14.02 -29.49
C ARG C 173 29.57 14.50 -28.49
N GLY C 174 28.51 13.71 -28.35
CA GLY C 174 27.65 13.84 -27.19
C GLY C 174 28.36 13.47 -25.91
N PHE C 175 27.92 14.07 -24.81
CA PHE C 175 28.38 13.67 -23.49
C PHE C 175 27.23 13.85 -22.50
N LEU C 176 27.25 13.03 -21.46
CA LEU C 176 26.28 13.11 -20.40
C LEU C 176 26.95 13.34 -19.06
N PRO C 177 26.46 14.28 -18.25
CA PRO C 177 27.14 14.63 -17.00
C PRO C 177 27.34 13.46 -16.05
N ASP C 178 26.28 12.76 -15.67
CA ASP C 178 26.44 11.75 -14.63
C ASP C 178 26.61 10.36 -15.22
N ARG C 179 25.92 10.08 -16.32
CA ARG C 179 26.13 8.84 -17.06
C ARG C 179 27.17 9.14 -18.12
N ASN C 180 28.39 9.38 -17.67
CA ASN C 180 29.46 9.74 -18.59
C ASN C 180 29.47 8.74 -19.73
N LYS C 181 29.15 9.22 -20.92
CA LYS C 181 28.98 8.36 -22.07
C LYS C 181 29.35 9.18 -23.28
N ALA C 182 29.73 8.49 -24.35
CA ALA C 182 30.20 9.16 -25.55
C ALA C 182 29.49 8.59 -26.76
N GLY C 183 28.93 9.45 -27.57
CA GLY C 183 28.53 9.01 -28.88
C GLY C 183 29.73 8.92 -29.78
N GLU C 184 29.52 8.31 -30.94
CA GLU C 184 30.57 8.32 -31.95
C GLU C 184 30.96 9.77 -32.24
N TRP C 185 32.25 9.97 -32.47
CA TRP C 185 32.75 11.32 -32.68
C TRP C 185 32.41 11.84 -34.06
N SER C 186 32.24 13.16 -34.14
CA SER C 186 32.06 13.85 -35.41
C SER C 186 33.43 14.28 -35.94
N GLU C 187 34.28 13.28 -36.16
CA GLU C 187 35.66 13.45 -36.58
C GLU C 187 35.91 13.96 -38.00
N PRO C 188 35.08 13.64 -39.00
CA PRO C 188 35.46 14.04 -40.38
C PRO C 188 35.58 15.54 -40.55
N VAL C 189 34.88 16.34 -39.76
CA VAL C 189 34.79 17.76 -40.05
C VAL C 189 36.10 18.45 -39.65
N CYS C 190 37.03 18.46 -40.58
CA CYS C 190 38.27 19.18 -40.42
C CYS C 190 38.04 20.67 -40.61
N GLU C 191 38.96 21.48 -40.09
CA GLU C 191 38.86 22.93 -40.16
C GLU C 191 39.97 23.50 -41.01
N GLN C 192 39.70 24.66 -41.59
CA GLN C 192 40.67 25.35 -42.44
C GLN C 192 41.39 26.37 -41.60
N THR C 193 42.67 26.13 -41.34
CA THR C 193 43.50 27.17 -40.79
C THR C 193 43.93 28.14 -41.89
N THR C 194 44.45 29.30 -41.48
CA THR C 194 44.73 30.37 -42.42
C THR C 194 45.86 31.23 -41.86
N HIS C 195 46.49 31.97 -42.76
CA HIS C 195 47.36 33.08 -42.40
C HIS C 195 46.76 33.93 -41.29
N CYS D 12 -9.54 4.92 15.66
CA CYS D 12 -10.23 4.04 14.74
C CYS D 12 -11.57 3.69 15.30
N THR D 13 -12.16 2.60 14.79
CA THR D 13 -13.49 2.18 15.24
C THR D 13 -13.25 1.57 16.62
N HIS D 14 -12.90 2.47 17.54
CA HIS D 14 -12.50 2.16 18.90
C HIS D 14 -11.50 1.01 18.85
N PHE D 15 -10.66 1.02 17.81
CA PHE D 15 -9.68 -0.04 17.70
C PHE D 15 -8.73 0.16 18.86
N PRO D 16 -8.40 1.40 19.24
CA PRO D 16 -7.47 1.54 20.37
C PRO D 16 -8.05 1.09 21.71
N GLY D 17 -9.37 0.96 21.84
CA GLY D 17 -10.02 0.33 22.99
C GLY D 17 -9.91 -1.17 23.10
N TYR D 18 -9.65 -1.84 22.00
CA TYR D 18 -9.50 -3.28 21.89
C TYR D 18 -8.07 -3.74 21.87
N LEU D 19 -7.13 -2.86 21.59
CA LEU D 19 -5.74 -3.24 21.45
C LEU D 19 -5.24 -4.23 22.49
N PRO D 20 -5.54 -4.10 23.77
CA PRO D 20 -5.06 -5.14 24.69
C PRO D 20 -5.64 -6.53 24.46
N ASN D 21 -6.95 -6.65 24.23
CA ASN D 21 -7.56 -7.97 24.11
C ASN D 21 -7.07 -8.74 22.90
N MET D 22 -6.91 -8.09 21.73
CA MET D 22 -6.51 -8.81 20.51
C MET D 22 -5.14 -9.45 20.65
N LEU D 23 -4.16 -8.70 21.15
CA LEU D 23 -2.85 -9.29 21.36
C LEU D 23 -2.86 -10.31 22.50
N ARG D 24 -3.64 -10.09 23.55
CA ARG D 24 -3.66 -11.10 24.60
C ARG D 24 -4.18 -12.39 24.06
N ASP D 25 -5.18 -12.33 23.21
CA ASP D 25 -5.78 -13.55 22.68
C ASP D 25 -4.88 -14.19 21.64
N LEU D 26 -4.10 -13.39 20.90
CA LEU D 26 -3.21 -13.99 19.94
C LEU D 26 -2.09 -14.70 20.65
N ARG D 27 -1.50 -14.06 21.65
CA ARG D 27 -0.43 -14.74 22.40
C ARG D 27 -0.95 -15.97 23.13
N ASP D 28 -2.16 -15.91 23.69
CA ASP D 28 -2.67 -17.04 24.45
C ASP D 28 -3.18 -18.13 23.54
N ALA D 29 -3.70 -17.77 22.37
CA ALA D 29 -4.06 -18.75 21.38
C ALA D 29 -2.82 -19.45 20.90
N PHE D 30 -1.76 -18.68 20.63
CA PHE D 30 -0.49 -19.26 20.28
C PHE D 30 0.01 -20.22 21.35
N SER D 31 -0.25 -19.88 22.62
CA SER D 31 0.29 -20.71 23.71
C SER D 31 -0.15 -22.15 23.63
N ARG D 32 -1.32 -22.43 23.06
CA ARG D 32 -1.80 -23.79 23.01
C ARG D 32 -0.91 -24.69 22.16
N VAL D 33 -0.40 -24.17 21.05
CA VAL D 33 0.47 -24.95 20.17
C VAL D 33 1.93 -24.65 20.38
N LYS D 34 2.25 -23.61 21.13
CA LYS D 34 3.63 -23.23 21.35
C LYS D 34 4.50 -24.39 21.82
N THR D 35 3.99 -25.22 22.73
CA THR D 35 4.83 -26.30 23.25
C THR D 35 5.29 -27.20 22.14
N PHE D 36 4.36 -27.57 21.25
CA PHE D 36 4.67 -28.43 20.12
C PHE D 36 5.55 -27.72 19.11
N PHE D 37 5.26 -26.46 18.80
CA PHE D 37 6.00 -25.79 17.74
C PHE D 37 7.41 -25.43 18.16
N GLN D 38 7.58 -24.84 19.34
CA GLN D 38 8.92 -24.57 19.86
C GLN D 38 9.66 -25.87 20.15
N MET D 39 8.93 -26.94 20.50
CA MET D 39 9.54 -28.25 20.71
C MET D 39 10.08 -28.84 19.42
N LYS D 40 9.39 -28.62 18.29
CA LYS D 40 9.82 -29.24 17.03
C LYS D 40 10.84 -28.39 16.27
N ASP D 41 10.89 -27.09 16.53
CA ASP D 41 11.90 -26.21 15.95
C ASP D 41 13.10 -26.18 16.90
N GLN D 42 13.82 -27.29 16.95
CA GLN D 42 14.85 -27.48 17.96
C GLN D 42 16.23 -26.95 17.58
N LEU D 43 16.44 -26.55 16.34
CA LEU D 43 17.76 -26.13 15.86
C LEU D 43 18.13 -24.72 16.28
N ASP D 44 17.35 -24.10 17.16
CA ASP D 44 17.58 -22.78 17.74
C ASP D 44 18.00 -21.71 16.73
N ASN D 45 17.49 -21.80 15.51
CA ASN D 45 17.74 -20.79 14.50
C ASN D 45 17.23 -19.46 14.99
N LEU D 46 17.95 -18.38 14.66
CA LEU D 46 17.68 -17.09 15.28
C LEU D 46 16.87 -16.15 14.39
N LEU D 47 16.13 -16.69 13.41
CA LEU D 47 15.16 -15.90 12.63
C LEU D 47 13.94 -15.61 13.48
N LEU D 48 13.83 -14.37 13.96
CA LEU D 48 12.77 -13.94 14.85
C LEU D 48 11.89 -12.84 14.24
N LYS D 49 11.94 -12.66 12.92
CA LYS D 49 11.22 -11.59 12.26
C LYS D 49 11.48 -10.27 12.98
N GLU D 50 12.77 -9.99 13.21
CA GLU D 50 13.19 -8.79 13.90
C GLU D 50 12.82 -7.52 13.16
N SER D 51 12.77 -7.56 11.82
CA SER D 51 12.74 -6.29 11.09
C SER D 51 11.48 -5.51 11.40
N LEU D 52 10.49 -6.18 11.99
CA LEU D 52 9.15 -5.63 12.17
C LEU D 52 9.19 -4.25 12.82
N LEU D 53 9.90 -4.12 13.94
CA LEU D 53 9.99 -2.84 14.64
C LEU D 53 11.11 -1.93 14.14
N GLU D 54 12.17 -2.52 13.65
CA GLU D 54 13.38 -1.78 13.30
C GLU D 54 13.29 -1.14 11.92
N ASP D 55 12.35 -1.59 11.11
CA ASP D 55 12.17 -1.21 9.73
C ASP D 55 10.72 -0.89 9.41
N PHE D 56 10.50 -0.73 8.10
CA PHE D 56 9.21 -0.46 7.46
C PHE D 56 8.66 0.95 7.66
N LYS D 57 9.52 1.95 7.48
CA LYS D 57 9.12 3.34 7.60
C LYS D 57 9.09 3.89 6.18
N GLY D 58 8.14 4.77 5.92
CA GLY D 58 7.84 5.29 4.60
C GLY D 58 6.62 4.58 4.02
N TYR D 59 5.97 5.22 3.04
CA TYR D 59 4.72 4.64 2.53
C TYR D 59 4.94 3.25 1.94
N LEU D 60 5.96 3.08 1.09
CA LEU D 60 6.22 1.78 0.48
C LEU D 60 6.69 0.76 1.52
N GLY D 61 7.58 1.18 2.41
CA GLY D 61 8.08 0.29 3.45
C GLY D 61 7.07 -0.11 4.52
N CYS D 62 6.25 0.84 4.96
CA CYS D 62 5.32 0.57 6.06
C CYS D 62 4.33 -0.53 5.75
N GLN D 63 3.82 -0.57 4.52
CA GLN D 63 2.85 -1.61 4.19
C GLN D 63 3.45 -3.01 4.30
N ALA D 64 4.78 -3.15 4.14
CA ALA D 64 5.38 -4.47 4.20
C ALA D 64 5.11 -5.17 5.53
N LEU D 65 5.21 -4.44 6.65
CA LEU D 65 5.02 -5.08 7.95
C LEU D 65 3.64 -5.74 7.94
N SER D 66 2.70 -5.06 7.29
CA SER D 66 1.37 -5.60 7.09
C SER D 66 1.43 -6.86 6.25
N GLU D 67 2.13 -6.81 5.12
CA GLU D 67 2.31 -8.04 4.36
C GLU D 67 2.74 -9.16 5.28
N MET D 68 3.59 -8.84 6.27
CA MET D 68 4.01 -9.84 7.24
C MET D 68 2.80 -10.31 8.04
N ILE D 69 1.94 -9.37 8.44
CA ILE D 69 0.68 -9.71 9.09
C ILE D 69 -0.08 -10.73 8.25
N GLN D 70 -0.13 -10.49 6.95
CA GLN D 70 -0.87 -11.38 6.06
C GLN D 70 -0.17 -12.72 5.95
N PHE D 71 1.14 -12.71 6.13
CA PHE D 71 1.90 -13.95 6.16
C PHE D 71 1.45 -14.77 7.35
N TYR D 72 1.40 -14.13 8.51
CA TYR D 72 0.92 -14.81 9.71
C TYR D 72 -0.50 -15.31 9.52
N LEU D 73 -1.43 -14.41 9.22
CA LEU D 73 -2.83 -14.82 9.18
C LEU D 73 -3.09 -15.84 8.08
N GLU D 74 -2.51 -15.62 6.90
CA GLU D 74 -2.74 -16.45 5.73
C GLU D 74 -1.67 -17.47 5.37
N GLU D 75 -0.39 -17.05 5.31
CA GLU D 75 0.64 -17.96 4.79
C GLU D 75 0.92 -19.13 5.71
N VAL D 76 1.08 -18.88 7.00
CA VAL D 76 1.57 -19.91 7.89
C VAL D 76 0.45 -20.55 8.70
N MET D 77 -0.53 -19.76 9.15
CA MET D 77 -1.56 -20.31 10.05
C MET D 77 -2.29 -21.50 9.47
N PRO D 78 -2.91 -21.41 8.29
CA PRO D 78 -3.71 -22.54 7.78
C PRO D 78 -2.92 -23.69 7.21
N GLN D 79 -1.59 -23.57 7.08
CA GLN D 79 -0.77 -24.73 6.78
C GLN D 79 -0.35 -25.40 8.06
N ALA D 80 0.11 -24.62 9.03
CA ALA D 80 0.47 -25.19 10.31
C ALA D 80 -0.72 -25.83 11.00
N GLU D 81 -1.95 -25.46 10.64
CA GLU D 81 -3.10 -26.16 11.20
C GLU D 81 -3.14 -27.63 10.83
N ASN D 82 -2.89 -27.97 9.57
CA ASN D 82 -2.90 -29.36 9.16
C ASN D 82 -1.54 -30.04 9.21
N GLN D 83 -0.46 -29.29 9.41
CA GLN D 83 0.86 -29.90 9.50
C GLN D 83 0.91 -30.95 10.60
N ASP D 84 0.21 -30.71 11.71
CA ASP D 84 -0.15 -31.74 12.68
C ASP D 84 -1.62 -31.61 13.01
N PRO D 85 -2.43 -32.65 12.82
CA PRO D 85 -3.87 -32.45 12.77
C PRO D 85 -4.49 -32.54 14.15
N ASP D 86 -3.82 -33.21 15.08
CA ASP D 86 -4.47 -33.48 16.37
C ASP D 86 -4.74 -32.15 17.07
N ILE D 87 -3.77 -31.24 17.05
CA ILE D 87 -3.95 -29.91 17.59
C ILE D 87 -4.05 -29.01 16.37
N LYS D 88 -5.27 -28.75 15.90
CA LYS D 88 -5.48 -27.90 14.73
C LYS D 88 -6.29 -26.68 15.05
N ALA D 89 -7.08 -26.73 16.13
CA ALA D 89 -7.82 -25.55 16.54
C ALA D 89 -6.81 -24.48 16.90
N HIS D 90 -5.68 -24.92 17.46
CA HIS D 90 -4.63 -24.03 17.92
C HIS D 90 -3.99 -23.21 16.79
N VAL D 91 -3.96 -23.71 15.55
CA VAL D 91 -3.36 -22.96 14.44
C VAL D 91 -4.46 -22.24 13.68
N GLN D 92 -5.64 -22.86 13.67
CA GLN D 92 -6.80 -22.18 13.12
C GLN D 92 -7.02 -20.90 13.89
N SER D 93 -6.87 -20.96 15.22
CA SER D 93 -6.95 -19.79 16.08
C SER D 93 -5.88 -18.77 15.73
N LEU D 94 -4.79 -19.18 15.05
CA LEU D 94 -3.76 -18.23 14.65
C LEU D 94 -4.20 -17.49 13.40
N GLY D 95 -4.80 -18.21 12.47
CA GLY D 95 -5.39 -17.53 11.33
C GLY D 95 -6.53 -16.61 11.75
N GLU D 96 -7.39 -17.09 12.65
CA GLU D 96 -8.50 -16.27 13.18
C GLU D 96 -8.00 -15.03 13.90
N ASN D 97 -7.00 -15.19 14.75
CA ASN D 97 -6.49 -14.08 15.53
C ASN D 97 -5.64 -13.12 14.72
N LEU D 98 -5.22 -13.48 13.52
CA LEU D 98 -4.63 -12.41 12.72
C LEU D 98 -5.64 -11.75 11.80
N LYS D 99 -6.64 -12.46 11.29
CA LYS D 99 -7.71 -11.75 10.60
C LYS D 99 -8.46 -10.79 11.53
N ASP D 100 -8.71 -11.17 12.78
CA ASP D 100 -9.39 -10.27 13.71
C ASP D 100 -8.60 -9.01 13.98
N LEU D 101 -7.27 -9.08 13.89
CA LEU D 101 -6.49 -7.86 14.07
C LEU D 101 -6.37 -7.07 12.77
N ARG D 102 -6.14 -7.73 11.63
CA ARG D 102 -6.09 -6.99 10.39
C ARG D 102 -7.39 -6.27 10.12
N LEU D 103 -8.52 -6.95 10.33
CA LEU D 103 -9.80 -6.30 10.12
C LEU D 103 -10.02 -5.10 11.02
N TRP D 104 -9.54 -5.13 12.25
CA TRP D 104 -9.62 -3.92 13.05
C TRP D 104 -8.50 -2.97 12.72
N LEU D 105 -7.60 -3.37 11.83
CA LEU D 105 -6.64 -2.43 11.28
C LEU D 105 -7.11 -1.97 9.92
N ARG D 106 -6.51 -0.87 9.47
CA ARG D 106 -6.84 -0.17 8.22
C ARG D 106 -8.09 0.64 8.44
N ARG D 107 -9.01 0.11 9.25
CA ARG D 107 -10.17 0.84 9.75
C ARG D 107 -9.88 1.55 11.05
N LEU D 112 -4.43 6.14 12.06
CA LEU D 112 -3.39 5.14 11.89
C LEU D 112 -2.84 5.11 10.48
N PRO D 113 -1.86 5.97 10.20
CA PRO D 113 -1.23 5.95 8.88
C PRO D 113 -0.56 4.63 8.55
N CYS D 114 -0.25 3.78 9.54
CA CYS D 114 0.28 2.46 9.21
C CYS D 114 -0.71 1.61 8.40
N GLU D 115 -2.03 1.80 8.61
CA GLU D 115 -3.03 1.05 7.85
C GLU D 115 -4.32 1.81 7.48
N ASN D 116 -4.40 3.12 7.71
CA ASN D 116 -5.63 3.85 7.40
C ASN D 116 -5.88 3.85 5.90
N LYS D 117 -7.03 3.30 5.48
CA LYS D 117 -7.27 3.05 4.06
C LYS D 117 -8.05 4.20 3.40
N SER D 118 -8.34 4.06 2.10
CA SER D 118 -9.15 5.00 1.35
C SER D 118 -10.16 4.22 0.50
N LYS D 119 -11.45 4.56 0.63
CA LYS D 119 -12.54 3.91 -0.08
C LYS D 119 -12.86 4.48 -1.47
N ALA D 120 -12.36 5.67 -1.82
CA ALA D 120 -12.72 6.27 -3.11
C ALA D 120 -12.27 5.40 -4.28
N VAL D 121 -11.10 4.78 -4.17
CA VAL D 121 -10.53 3.96 -5.23
C VAL D 121 -11.51 2.90 -5.72
N GLU D 122 -12.58 2.64 -4.98
CA GLU D 122 -13.64 1.78 -5.51
C GLU D 122 -14.70 2.55 -6.29
N GLN D 123 -15.02 3.79 -5.91
CA GLN D 123 -15.77 4.64 -6.82
C GLN D 123 -15.02 4.80 -8.12
N VAL D 124 -13.70 4.65 -8.06
CA VAL D 124 -12.85 4.75 -9.23
C VAL D 124 -13.22 3.69 -10.26
N LYS D 125 -13.48 2.48 -9.79
CA LYS D 125 -13.67 1.35 -10.69
C LYS D 125 -15.12 0.99 -10.93
N ASN D 126 -15.92 0.91 -9.88
CA ASN D 126 -17.28 0.42 -10.03
C ASN D 126 -18.12 1.34 -10.91
N ALA D 127 -17.97 2.67 -10.74
CA ALA D 127 -18.70 3.60 -11.60
C ALA D 127 -18.37 3.36 -13.06
N PHE D 128 -17.16 2.89 -13.35
CA PHE D 128 -16.87 2.37 -14.68
C PHE D 128 -17.72 1.15 -14.99
N ASN D 129 -17.58 0.11 -14.15
CA ASN D 129 -18.33 -1.13 -14.37
C ASN D 129 -19.84 -0.93 -14.35
N LYS D 130 -20.34 0.24 -13.97
CA LYS D 130 -21.78 0.46 -13.97
C LYS D 130 -22.37 0.24 -15.35
N LEU D 131 -21.78 0.86 -16.36
CA LEU D 131 -22.15 0.61 -17.75
C LEU D 131 -20.97 -0.15 -18.33
N GLN D 132 -21.06 -1.47 -18.31
CA GLN D 132 -19.93 -2.30 -18.71
C GLN D 132 -19.57 -2.08 -20.16
N GLU D 133 -20.58 -2.00 -21.03
CA GLU D 133 -20.28 -1.89 -22.45
C GLU D 133 -19.78 -0.51 -22.79
N LYS D 134 -20.24 0.50 -22.04
CA LYS D 134 -19.91 1.89 -22.31
C LYS D 134 -18.83 2.45 -21.39
N GLY D 135 -18.72 1.91 -20.17
CA GLY D 135 -17.59 2.29 -19.35
C GLY D 135 -16.27 1.87 -19.95
N ILE D 136 -16.27 0.77 -20.70
CA ILE D 136 -15.04 0.40 -21.40
C ILE D 136 -14.56 1.57 -22.24
N TYR D 137 -15.50 2.29 -22.83
CA TYR D 137 -15.14 3.47 -23.61
C TYR D 137 -14.77 4.65 -22.72
N LYS D 138 -15.61 4.95 -21.73
CA LYS D 138 -15.38 6.18 -20.96
C LYS D 138 -14.09 6.11 -20.15
N ALA D 139 -13.77 4.95 -19.58
CA ALA D 139 -12.51 4.80 -18.88
C ALA D 139 -11.35 5.10 -19.80
N MET D 140 -11.54 4.93 -21.09
CA MET D 140 -10.53 5.25 -22.08
C MET D 140 -10.88 6.48 -22.88
N SER D 141 -11.76 7.31 -22.35
CA SER D 141 -11.94 8.68 -22.81
C SER D 141 -11.59 9.70 -21.75
N GLU D 142 -11.52 9.29 -20.48
CA GLU D 142 -11.06 10.14 -19.38
C GLU D 142 -9.59 9.91 -19.10
N PHE D 143 -8.81 9.48 -20.10
CA PHE D 143 -7.43 9.17 -19.83
C PHE D 143 -6.61 10.44 -19.65
N ASP D 144 -6.96 11.48 -20.40
CA ASP D 144 -6.18 12.70 -20.33
C ASP D 144 -6.22 13.31 -18.96
N ILE D 145 -7.41 13.35 -18.34
CA ILE D 145 -7.50 13.85 -16.98
C ILE D 145 -6.69 12.97 -16.03
N PHE D 146 -6.64 11.66 -16.28
CA PHE D 146 -5.75 10.79 -15.51
C PHE D 146 -4.31 11.28 -15.64
N ILE D 147 -3.91 11.64 -16.85
CA ILE D 147 -2.58 12.22 -17.01
C ILE D 147 -2.45 13.48 -16.18
N ASN D 148 -3.45 14.34 -16.24
CA ASN D 148 -3.29 15.60 -15.54
C ASN D 148 -3.32 15.44 -14.04
N TYR D 149 -3.76 14.31 -13.52
CA TYR D 149 -3.68 14.14 -12.07
C TYR D 149 -2.43 13.40 -11.63
N ILE D 150 -1.97 12.44 -12.42
CA ILE D 150 -0.66 11.87 -12.14
C ILE D 150 0.40 12.96 -12.21
N GLU D 151 0.30 13.87 -13.19
CA GLU D 151 1.16 15.04 -13.19
C GLU D 151 0.88 15.95 -12.01
N ALA D 152 -0.38 16.04 -11.59
CA ALA D 152 -0.70 16.90 -10.47
C ALA D 152 0.09 16.50 -9.25
N TYR D 153 0.09 15.21 -8.90
CA TYR D 153 0.90 14.97 -7.71
C TYR D 153 2.37 14.77 -8.06
N MET D 154 2.73 14.70 -9.35
CA MET D 154 4.16 14.67 -9.67
C MET D 154 4.78 16.00 -9.29
N THR D 155 4.08 17.09 -9.58
CA THR D 155 4.65 18.38 -9.25
C THR D 155 4.52 18.72 -7.78
N MET D 156 3.80 17.91 -6.99
CA MET D 156 3.93 18.05 -5.55
C MET D 156 5.11 17.20 -5.06
N LYS D 157 5.14 15.92 -5.45
CA LYS D 157 6.17 15.01 -4.99
C LYS D 157 7.55 15.47 -5.41
N ILE D 158 7.63 16.44 -6.31
CA ILE D 158 8.93 16.95 -6.75
C ILE D 158 9.34 18.14 -5.91
N ARG D 159 8.42 19.07 -5.68
CA ARG D 159 8.74 20.26 -4.90
C ARG D 159 9.13 19.85 -3.48
N ASN D 160 8.47 18.83 -2.96
CA ASN D 160 8.70 18.32 -1.62
C ASN D 160 8.46 16.83 -1.65
N GLU E 4 26.23 -47.52 29.97
CA GLU E 4 26.01 -46.08 29.84
C GLU E 4 25.25 -45.54 31.05
N LEU E 5 25.15 -44.22 31.14
CA LEU E 5 24.41 -43.64 32.25
C LEU E 5 23.12 -43.00 31.77
N PRO E 6 22.09 -42.99 32.63
CA PRO E 6 20.80 -42.43 32.24
C PRO E 6 20.86 -40.94 31.98
N SER E 7 20.12 -40.50 30.98
CA SER E 7 19.95 -39.09 30.71
C SER E 7 19.12 -38.44 31.81
N PRO E 8 19.17 -37.12 31.93
CA PRO E 8 18.43 -36.45 32.98
C PRO E 8 16.94 -36.70 32.83
N PRO E 9 16.24 -36.96 33.94
CA PRO E 9 14.81 -37.32 33.84
C PRO E 9 13.97 -36.18 33.35
N SER E 10 14.25 -34.97 33.83
CA SER E 10 13.45 -33.81 33.49
C SER E 10 14.32 -32.59 33.73
N VAL E 11 14.28 -31.68 32.78
CA VAL E 11 15.16 -30.53 32.71
C VAL E 11 14.25 -29.36 32.35
N TRP E 12 14.07 -28.44 33.26
CA TRP E 12 13.07 -27.44 33.01
C TRP E 12 13.51 -26.10 33.56
N PHE E 13 12.81 -25.05 33.14
CA PHE E 13 13.25 -23.69 33.39
C PHE E 13 12.26 -23.18 34.38
N GLU E 14 12.77 -22.68 35.47
CA GLU E 14 12.09 -21.88 36.45
C GLU E 14 12.68 -20.48 36.43
N ALA E 15 12.07 -19.59 35.68
CA ALA E 15 12.62 -18.25 35.49
C ALA E 15 11.60 -17.31 36.15
N GLU E 16 11.88 -16.87 37.37
CA GLU E 16 11.05 -15.88 38.06
C GLU E 16 11.52 -14.51 37.63
N PHE E 17 10.96 -13.44 38.20
CA PHE E 17 11.42 -12.13 37.77
C PHE E 17 12.89 -11.96 38.11
N PHE E 18 13.74 -11.88 37.08
CA PHE E 18 15.18 -11.68 37.23
C PHE E 18 15.72 -12.61 38.31
N HIS E 19 15.11 -13.80 38.44
CA HIS E 19 15.57 -14.88 39.31
C HIS E 19 15.45 -16.14 38.44
N HIS E 20 16.38 -16.29 37.51
CA HIS E 20 16.28 -17.38 36.56
C HIS E 20 16.90 -18.60 37.22
N ILE E 21 16.17 -19.14 38.18
CA ILE E 21 16.63 -20.29 38.94
C ILE E 21 16.17 -21.56 38.21
N LEU E 22 17.10 -22.18 37.49
CA LEU E 22 16.88 -23.47 36.82
C LEU E 22 16.63 -24.58 37.83
N HIS E 23 15.74 -25.51 37.49
CA HIS E 23 15.42 -26.66 38.33
C HIS E 23 15.50 -27.86 37.40
N TRP E 24 16.03 -28.99 37.89
CA TRP E 24 16.01 -30.21 37.10
C TRP E 24 15.88 -31.48 37.93
N THR E 25 15.31 -32.51 37.31
CA THR E 25 15.19 -33.88 37.81
C THR E 25 16.54 -34.58 37.66
N PRO E 26 16.94 -35.38 38.64
CA PRO E 26 18.22 -36.08 38.55
C PRO E 26 18.19 -37.29 37.62
N ILE E 27 19.38 -37.74 37.31
CA ILE E 27 19.59 -39.00 36.58
C ILE E 27 19.10 -40.15 37.45
N PRO E 28 18.45 -41.16 36.90
CA PRO E 28 18.08 -42.31 37.73
C PRO E 28 19.31 -43.07 38.22
N ASN E 29 19.27 -43.43 39.50
CA ASN E 29 20.34 -44.17 40.16
C ASN E 29 21.65 -43.39 40.18
N GLN E 30 21.58 -42.11 40.50
CA GLN E 30 22.80 -41.32 40.60
C GLN E 30 23.72 -41.87 41.69
N SER E 31 25.01 -41.87 41.39
CA SER E 31 26.09 -42.24 42.29
C SER E 31 26.41 -41.13 43.28
N GLU E 32 27.13 -41.51 44.33
CA GLU E 32 27.78 -40.51 45.18
C GLU E 32 28.78 -39.69 44.38
N SER E 33 29.31 -40.24 43.29
CA SER E 33 30.21 -39.52 42.40
C SER E 33 29.46 -38.69 41.38
N THR E 34 28.14 -38.79 41.36
CA THR E 34 27.32 -38.06 40.41
C THR E 34 27.36 -36.57 40.69
N CYS E 35 27.32 -35.78 39.63
CA CYS E 35 27.27 -34.34 39.70
C CYS E 35 26.27 -33.92 38.63
N TYR E 36 25.82 -32.67 38.67
CA TYR E 36 24.94 -32.17 37.63
C TYR E 36 25.53 -30.88 37.08
N GLU E 37 25.57 -30.75 35.76
CA GLU E 37 25.82 -29.44 35.14
C GLU E 37 24.57 -28.53 35.13
N VAL E 38 24.83 -27.22 35.03
CA VAL E 38 23.79 -26.20 34.89
C VAL E 38 24.30 -25.34 33.75
N ALA E 39 23.41 -24.95 32.87
CA ALA E 39 23.77 -24.16 31.72
C ALA E 39 22.74 -23.11 31.39
N LEU E 40 23.12 -22.24 30.48
CA LEU E 40 22.26 -21.19 30.03
C LEU E 40 22.64 -20.97 28.58
N LEU E 41 21.69 -20.45 27.81
CA LEU E 41 21.95 -20.07 26.43
C LEU E 41 20.95 -18.96 26.17
N ARG E 42 21.33 -17.97 25.40
CA ARG E 42 20.37 -16.96 25.02
C ARG E 42 20.15 -17.03 23.52
N TYR E 43 18.90 -16.84 23.11
CA TYR E 43 18.57 -16.81 21.70
C TYR E 43 19.25 -15.60 21.07
N GLY E 44 19.75 -15.79 19.87
CA GLY E 44 20.63 -14.83 19.26
C GLY E 44 22.05 -15.31 19.34
N ILE E 45 22.33 -16.17 20.30
CA ILE E 45 23.60 -16.86 20.42
C ILE E 45 23.42 -18.21 19.74
N GLU E 46 24.46 -18.68 19.04
CA GLU E 46 24.36 -19.92 18.31
C GLU E 46 24.60 -21.16 19.16
N SER E 47 25.21 -21.03 20.33
CA SER E 47 25.49 -22.19 21.15
C SER E 47 25.37 -21.82 22.63
N TRP E 48 25.13 -22.84 23.45
CA TRP E 48 24.80 -22.63 24.85
C TRP E 48 25.96 -21.93 25.56
N ASN E 49 25.73 -21.56 26.79
CA ASN E 49 26.77 -20.99 27.65
C ASN E 49 26.83 -21.90 28.87
N SER E 50 28.01 -22.02 29.47
CA SER E 50 28.15 -22.95 30.58
C SER E 50 28.12 -22.22 31.91
N ILE E 51 27.78 -22.97 32.96
CA ILE E 51 27.72 -22.46 34.32
C ILE E 51 28.68 -23.19 35.24
N SER E 52 28.85 -24.50 35.07
CA SER E 52 29.82 -25.15 35.95
C SER E 52 30.24 -26.52 35.42
N ASN E 53 31.49 -26.88 35.74
CA ASN E 53 31.98 -28.23 35.50
C ASN E 53 31.29 -29.24 36.39
N CYS E 54 31.04 -28.88 37.63
CA CYS E 54 30.20 -29.68 38.51
C CYS E 54 29.28 -28.75 39.29
N SER E 55 28.00 -29.05 39.22
CA SER E 55 27.02 -28.68 40.23
C SER E 55 26.57 -29.96 40.90
N GLN E 56 26.76 -30.07 42.19
CA GLN E 56 26.27 -31.28 42.80
C GLN E 56 24.80 -31.07 43.05
N THR E 57 24.42 -29.80 43.18
CA THR E 57 23.04 -29.45 43.40
C THR E 57 22.29 -29.78 42.12
N LEU E 58 20.97 -29.93 42.24
CA LEU E 58 20.18 -30.23 41.05
C LEU E 58 20.15 -29.04 40.12
N SER E 59 20.56 -27.89 40.62
CA SER E 59 20.38 -26.64 39.93
C SER E 59 21.45 -25.64 40.35
N TYR E 60 21.61 -24.64 39.49
CA TYR E 60 22.63 -23.60 39.59
C TYR E 60 22.02 -22.45 38.83
N ASP E 61 21.91 -21.31 39.46
CA ASP E 61 21.32 -20.13 38.86
C ASP E 61 22.19 -19.59 37.75
N LEU E 62 21.57 -19.42 36.60
CA LEU E 62 22.27 -18.83 35.47
C LEU E 62 21.90 -17.38 35.32
N THR E 63 21.19 -16.83 36.33
CA THR E 63 20.67 -15.49 36.20
C THR E 63 21.82 -14.56 35.88
N ALA E 64 22.97 -14.80 36.54
CA ALA E 64 24.07 -13.86 36.45
C ALA E 64 24.49 -13.70 35.01
N VAL E 65 24.37 -14.76 34.24
CA VAL E 65 24.59 -14.61 32.82
C VAL E 65 23.28 -14.27 32.14
N THR E 66 22.16 -14.74 32.69
CA THR E 66 20.86 -14.53 32.09
C THR E 66 20.20 -13.22 32.49
N LEU E 67 20.96 -12.28 33.08
CA LEU E 67 20.38 -11.00 33.46
C LEU E 67 19.67 -10.34 32.28
N ASP E 68 20.14 -10.60 31.07
CA ASP E 68 19.56 -10.03 29.87
C ASP E 68 18.39 -10.84 29.34
N LEU E 69 17.86 -11.78 30.14
CA LEU E 69 16.77 -12.67 29.69
C LEU E 69 15.56 -11.84 29.26
N TYR E 70 15.18 -10.85 30.05
CA TYR E 70 13.91 -10.20 29.80
C TYR E 70 13.87 -9.48 28.46
N HIS E 71 14.87 -8.67 28.17
CA HIS E 71 14.90 -7.97 26.88
C HIS E 71 15.27 -8.85 25.68
N SER E 72 16.18 -9.81 25.85
CA SER E 72 16.71 -10.60 24.75
C SER E 72 15.66 -11.39 23.99
N ASN E 73 16.05 -11.78 22.76
CA ASN E 73 15.17 -12.52 21.86
C ASN E 73 14.66 -13.79 22.51
N GLY E 74 15.48 -14.41 23.34
CA GLY E 74 15.04 -15.60 24.04
C GLY E 74 16.23 -16.28 24.68
N TYR E 75 16.00 -17.49 25.16
CA TYR E 75 17.03 -18.26 25.82
C TYR E 75 16.92 -19.78 25.61
N ARG E 76 18.02 -20.49 25.88
CA ARG E 76 18.05 -21.94 25.77
C ARG E 76 18.84 -22.37 27.01
N ALA E 77 18.33 -23.30 27.78
CA ALA E 77 19.05 -23.67 28.99
C ALA E 77 19.14 -25.16 29.16
N ARG E 78 19.98 -25.61 30.06
CA ARG E 78 20.10 -27.05 30.21
C ARG E 78 20.69 -27.39 31.56
N VAL E 79 20.66 -28.67 31.86
CA VAL E 79 21.28 -29.27 33.03
C VAL E 79 21.85 -30.56 32.44
N ARG E 80 22.97 -31.00 32.98
CA ARG E 80 23.61 -32.23 32.51
C ARG E 80 24.31 -32.97 33.64
N ALA E 81 23.70 -34.05 34.12
CA ALA E 81 24.28 -34.83 35.20
C ALA E 81 25.57 -35.50 34.75
N VAL E 82 26.51 -35.66 35.68
CA VAL E 82 27.80 -36.28 35.34
C VAL E 82 28.23 -37.12 36.53
N ASP E 83 28.95 -38.22 36.27
CA ASP E 83 29.49 -39.04 37.36
C ASP E 83 30.98 -39.31 37.14
N GLY E 84 31.80 -38.34 37.51
CA GLY E 84 33.24 -38.47 37.30
C GLY E 84 33.65 -38.47 35.84
N SER E 85 34.47 -39.46 35.47
CA SER E 85 34.97 -39.54 34.09
C SER E 85 33.85 -39.82 33.11
N ARG E 86 32.91 -40.67 33.49
CA ARG E 86 31.85 -41.12 32.60
C ARG E 86 30.69 -40.14 32.72
N HIS E 87 30.19 -39.66 31.59
CA HIS E 87 29.22 -38.58 31.62
C HIS E 87 27.99 -39.01 30.85
N SER E 88 26.82 -38.64 31.36
CA SER E 88 25.58 -38.85 30.64
C SER E 88 25.34 -37.67 29.70
N ASN E 89 24.36 -37.82 28.83
CA ASN E 89 24.00 -36.70 27.99
C ASN E 89 23.10 -35.70 28.73
N TRP E 90 23.00 -34.52 28.15
CA TRP E 90 22.30 -33.37 28.72
C TRP E 90 20.81 -33.50 28.41
N THR E 91 19.98 -32.91 29.25
CA THR E 91 18.59 -32.69 28.85
C THR E 91 18.39 -31.20 28.84
N VAL E 92 17.79 -30.71 27.75
CA VAL E 92 17.75 -29.29 27.47
C VAL E 92 16.32 -28.84 27.19
N THR E 93 16.12 -27.55 27.31
CA THR E 93 14.84 -26.95 27.03
C THR E 93 14.67 -26.70 25.54
N ASN E 94 13.83 -27.53 24.92
CA ASN E 94 13.48 -27.39 23.51
C ASN E 94 12.97 -25.98 23.18
N THR E 95 12.29 -25.36 24.14
CA THR E 95 11.55 -24.11 23.99
C THR E 95 12.27 -22.90 24.58
N ARG E 96 12.43 -21.87 23.76
CA ARG E 96 13.18 -20.70 24.18
C ARG E 96 12.62 -20.12 25.46
N PHE E 97 13.51 -19.83 26.39
CA PHE E 97 13.16 -19.28 27.70
C PHE E 97 12.92 -17.77 27.61
N SER E 98 11.67 -17.32 27.69
CA SER E 98 11.41 -15.89 27.68
C SER E 98 10.62 -15.55 28.91
N VAL E 99 10.29 -14.26 29.06
CA VAL E 99 9.48 -13.87 30.20
C VAL E 99 8.11 -14.52 30.14
N ASP E 100 7.59 -14.75 28.93
CA ASP E 100 6.28 -15.35 28.91
C ASP E 100 6.34 -16.79 29.36
N GLU E 101 7.55 -17.35 29.50
CA GLU E 101 7.69 -18.65 30.13
C GLU E 101 8.01 -18.41 31.58
N VAL E 102 8.47 -17.20 31.84
CA VAL E 102 9.02 -16.82 33.12
C VAL E 102 7.83 -16.44 33.97
N THR E 103 7.65 -17.09 35.09
CA THR E 103 6.55 -16.62 35.92
C THR E 103 6.92 -15.27 36.50
N LEU E 104 6.13 -14.27 36.17
CA LEU E 104 6.38 -12.88 36.52
C LEU E 104 5.85 -12.64 37.92
N THR E 105 6.31 -11.56 38.53
CA THR E 105 5.88 -11.21 39.88
C THR E 105 6.19 -9.74 40.13
N VAL E 106 5.52 -9.19 41.14
CA VAL E 106 5.66 -7.78 41.49
C VAL E 106 6.55 -7.61 42.73
N GLY E 107 6.83 -6.37 43.08
CA GLY E 107 7.76 -6.09 44.14
C GLY E 107 7.15 -6.07 45.53
N SER E 108 6.04 -5.38 45.73
CA SER E 108 5.37 -5.42 47.04
C SER E 108 3.96 -4.87 46.91
N VAL E 109 3.14 -5.13 47.94
CA VAL E 109 1.79 -4.60 48.03
C VAL E 109 1.54 -4.09 49.44
N ASN E 110 0.52 -3.25 49.57
CA ASN E 110 0.23 -2.61 50.85
C ASN E 110 -1.25 -2.30 50.95
N LEU E 111 -1.71 -2.05 52.18
CA LEU E 111 -3.08 -1.63 52.44
C LEU E 111 -3.07 -0.45 53.40
N GLU E 112 -3.84 0.58 53.08
CA GLU E 112 -3.92 1.77 53.92
C GLU E 112 -5.35 2.32 54.00
N ILE E 113 -5.62 3.03 55.09
CA ILE E 113 -6.92 3.65 55.35
C ILE E 113 -6.69 5.16 55.43
N HIS E 114 -7.46 5.93 54.64
CA HIS E 114 -7.43 7.39 54.69
C HIS E 114 -8.74 7.96 55.24
N ASN E 115 -8.77 9.30 55.34
CA ASN E 115 -9.95 10.00 55.84
C ASN E 115 -11.20 9.76 54.99
N GLY E 116 -11.08 9.82 53.67
CA GLY E 116 -12.28 9.63 52.89
C GLY E 116 -12.37 8.34 52.11
N PHE E 117 -11.32 7.55 52.14
CA PHE E 117 -11.26 6.31 51.37
C PHE E 117 -10.07 5.50 51.89
N ILE E 118 -10.04 4.23 51.52
CA ILE E 118 -8.89 3.37 51.75
C ILE E 118 -8.00 3.44 50.51
N LEU E 119 -6.73 3.10 50.69
CA LEU E 119 -5.84 3.05 49.53
C LEU E 119 -4.82 1.94 49.74
N GLY E 120 -4.30 1.46 48.63
CA GLY E 120 -3.18 0.55 48.57
C GLY E 120 -2.26 0.82 47.41
N LYS E 121 -0.94 0.74 47.57
CA LYS E 121 -0.02 1.18 46.53
C LYS E 121 1.10 0.13 46.41
N ILE E 122 1.02 -0.69 45.35
CA ILE E 122 1.88 -1.86 45.20
C ILE E 122 3.23 -1.48 44.58
N GLN E 123 4.21 -2.36 44.78
CA GLN E 123 5.55 -2.27 44.21
C GLN E 123 5.83 -3.37 43.18
N LEU E 124 6.61 -3.01 42.15
CA LEU E 124 6.85 -3.76 40.93
C LEU E 124 8.24 -4.38 40.99
N PRO E 125 8.40 -5.68 40.78
CA PRO E 125 9.71 -6.32 41.02
C PRO E 125 10.88 -5.68 40.26
N ARG E 126 11.96 -5.40 41.01
CA ARG E 126 13.20 -4.81 40.49
C ARG E 126 14.35 -5.50 41.21
N PRO E 127 14.69 -6.71 40.82
CA PRO E 127 15.74 -7.43 41.56
C PRO E 127 17.09 -6.74 41.54
N LYS E 128 17.77 -6.80 42.70
CA LYS E 128 19.10 -6.21 42.87
C LYS E 128 20.13 -6.82 41.90
N MET E 129 20.11 -8.14 41.74
CA MET E 129 21.06 -8.77 40.82
C MET E 129 20.86 -8.26 39.41
N ALA E 130 19.62 -7.97 39.04
CA ALA E 130 19.33 -7.42 37.74
C ALA E 130 20.04 -6.08 37.62
N PRO E 131 20.41 -5.69 36.43
CA PRO E 131 20.94 -4.32 36.29
C PRO E 131 19.93 -3.24 36.63
N ALA E 132 20.16 -2.58 37.76
CA ALA E 132 19.14 -1.84 38.50
C ALA E 132 18.57 -0.65 37.75
N ASN E 133 19.20 -0.20 36.67
CA ASN E 133 18.59 0.83 35.84
C ASN E 133 17.27 0.38 35.24
N ASP E 134 17.14 -0.92 34.95
CA ASP E 134 15.96 -1.51 34.33
C ASP E 134 15.20 -2.38 35.32
N THR E 135 13.90 -2.12 35.47
CA THR E 135 13.09 -2.88 36.40
C THR E 135 11.81 -3.30 35.70
N TYR E 136 11.13 -4.30 36.29
CA TYR E 136 9.95 -4.86 35.65
C TYR E 136 8.94 -3.78 35.35
N GLU E 137 8.89 -2.76 36.22
CA GLU E 137 7.97 -1.64 36.06
C GLU E 137 8.27 -0.89 34.78
N SER E 138 9.52 -0.94 34.35
CA SER E 138 10.08 -0.13 33.29
C SER E 138 9.89 -0.80 31.93
N ILE E 139 10.02 -2.12 31.89
CA ILE E 139 9.84 -2.84 30.64
C ILE E 139 8.35 -2.90 30.24
N PHE E 140 7.47 -3.35 31.13
CA PHE E 140 6.06 -3.36 30.72
C PHE E 140 5.48 -1.99 31.01
N SER E 141 5.67 -1.09 30.05
CA SER E 141 5.27 0.31 30.24
C SER E 141 3.79 0.57 29.99
N HIS E 142 3.26 0.20 28.83
CA HIS E 142 1.88 0.58 28.67
C HIS E 142 0.92 -0.49 29.14
N PHE E 143 1.15 -1.74 28.79
CA PHE E 143 0.20 -2.79 29.13
C PHE E 143 0.77 -3.56 30.31
N ARG E 144 -0.03 -3.69 31.37
CA ARG E 144 0.23 -4.57 32.50
C ARG E 144 -1.13 -4.81 33.13
N GLU E 145 -1.40 -6.01 33.61
CA GLU E 145 -2.70 -6.20 34.26
C GLU E 145 -2.58 -7.27 35.32
N TYR E 146 -3.10 -6.98 36.51
CA TYR E 146 -2.93 -7.89 37.62
C TYR E 146 -4.20 -8.02 38.44
N GLU E 147 -4.54 -9.26 38.80
CA GLU E 147 -5.68 -9.50 39.66
C GLU E 147 -5.39 -9.25 41.12
N ILE E 148 -6.31 -8.59 41.79
CA ILE E 148 -6.28 -8.39 43.24
C ILE E 148 -7.39 -9.27 43.78
N ALA E 149 -7.07 -10.19 44.66
CA ALA E 149 -8.08 -10.87 45.47
C ALA E 149 -8.10 -10.25 46.85
N ILE E 150 -9.28 -9.85 47.30
CA ILE E 150 -9.50 -9.45 48.69
C ILE E 150 -10.55 -10.36 49.32
N ARG E 151 -10.17 -10.99 50.43
CA ARG E 151 -11.05 -11.82 51.25
C ARG E 151 -10.91 -11.36 52.69
N LYS E 152 -11.98 -11.50 53.47
CA LYS E 152 -11.84 -11.43 54.91
C LYS E 152 -10.93 -12.55 55.41
N VAL E 153 -10.37 -12.32 56.60
CA VAL E 153 -9.47 -13.30 57.21
C VAL E 153 -10.03 -14.72 57.17
N PRO E 154 -11.24 -14.99 57.68
CA PRO E 154 -11.81 -16.34 57.68
C PRO E 154 -12.31 -16.76 56.30
N THR E 160 -15.22 -9.92 45.29
CA THR E 160 -14.03 -10.04 46.10
C THR E 160 -12.78 -9.96 45.23
N HIS E 161 -12.96 -10.15 43.92
CA HIS E 161 -11.86 -10.18 42.98
C HIS E 161 -12.11 -9.19 41.86
N LYS E 162 -11.03 -8.66 41.30
CA LYS E 162 -11.16 -7.75 40.18
C LYS E 162 -9.86 -7.79 39.40
N LYS E 163 -9.90 -7.35 38.15
CA LYS E 163 -8.71 -7.27 37.33
C LYS E 163 -8.24 -5.83 37.20
N VAL E 164 -6.96 -5.56 37.48
CA VAL E 164 -6.48 -4.18 37.44
C VAL E 164 -5.15 -4.03 36.71
N LYS E 165 -5.00 -2.89 36.05
CA LYS E 165 -3.81 -2.50 35.32
C LYS E 165 -2.99 -1.46 36.08
N HIS E 166 -3.28 -1.24 37.36
CA HIS E 166 -2.64 -0.19 38.14
C HIS E 166 -2.11 -0.73 39.46
N GLU E 167 -0.96 -0.21 39.86
CA GLU E 167 -0.32 -0.63 41.09
C GLU E 167 -1.10 -0.27 42.34
N ASN E 168 -2.09 0.60 42.24
CA ASN E 168 -2.83 1.08 43.40
C ASN E 168 -4.31 0.83 43.24
N PHE E 169 -4.98 0.48 44.34
CA PHE E 169 -6.42 0.28 44.28
C PHE E 169 -7.03 0.69 45.60
N SER E 170 -8.31 1.04 45.52
CA SER E 170 -9.17 1.25 46.69
C SER E 170 -10.42 0.41 46.56
N LEU E 171 -11.09 0.19 47.68
CA LEU E 171 -12.09 -0.86 47.75
C LEU E 171 -13.18 -0.44 48.71
N LEU E 172 -14.25 -1.25 48.73
CA LEU E 172 -15.44 -0.94 49.54
C LEU E 172 -15.11 -0.64 51.00
N THR E 173 -14.05 -1.23 51.52
CA THR E 173 -13.60 -0.99 52.88
C THR E 173 -13.12 0.44 53.08
N SER E 174 -13.16 1.25 52.00
CA SER E 174 -12.67 2.62 52.05
C SER E 174 -13.20 3.41 53.24
N GLY E 175 -14.50 3.29 53.53
CA GLY E 175 -15.05 3.98 54.68
C GLY E 175 -15.55 3.01 55.73
N GLU E 176 -15.01 1.79 55.72
CA GLU E 176 -15.58 0.65 56.43
C GLU E 176 -14.60 0.14 57.47
N VAL E 177 -15.00 -0.95 58.13
CA VAL E 177 -14.16 -1.62 59.11
C VAL E 177 -14.24 -3.13 58.88
N GLY E 178 -13.20 -3.84 59.32
CA GLY E 178 -13.07 -5.28 59.15
C GLY E 178 -11.68 -5.77 58.79
N GLU E 179 -11.46 -7.08 58.84
CA GLU E 179 -10.17 -7.69 58.54
C GLU E 179 -10.21 -8.36 57.17
N PHE E 180 -9.39 -7.85 56.25
CA PHE E 180 -9.39 -8.30 54.85
C PHE E 180 -7.97 -8.54 54.38
N CYS E 181 -7.73 -9.66 53.67
CA CYS E 181 -6.41 -9.96 53.16
C CYS E 181 -6.39 -10.01 51.62
N VAL E 182 -5.24 -9.64 51.05
CA VAL E 182 -5.06 -9.42 49.62
C VAL E 182 -3.91 -10.27 49.08
N GLN E 183 -4.08 -10.79 47.86
CA GLN E 183 -3.00 -11.30 47.03
C GLN E 183 -3.00 -10.64 45.66
N VAL E 184 -1.83 -10.51 45.05
CA VAL E 184 -1.70 -9.99 43.69
C VAL E 184 -0.90 -10.98 42.86
N LYS E 185 -1.42 -11.33 41.68
CA LYS E 185 -0.70 -12.13 40.69
C LYS E 185 -0.56 -11.35 39.41
N PRO E 186 0.64 -11.02 38.94
CA PRO E 186 0.74 -10.17 37.75
C PRO E 186 0.63 -10.92 36.43
N SER E 187 0.39 -10.13 35.39
CA SER E 187 0.40 -10.57 34.02
C SER E 187 0.73 -9.36 33.15
N VAL E 188 0.75 -9.56 31.85
CA VAL E 188 0.85 -8.47 30.90
C VAL E 188 -0.34 -8.50 29.98
N ALA E 189 -1.00 -7.36 29.77
CA ALA E 189 -2.16 -7.39 28.90
C ALA E 189 -1.78 -7.95 27.54
N SER E 190 -0.59 -7.58 27.04
CA SER E 190 -0.07 -8.13 25.78
C SER E 190 0.26 -9.62 25.90
N ARG E 191 0.77 -10.03 27.05
CA ARG E 191 1.20 -11.42 27.24
C ARG E 191 0.44 -12.14 28.34
N SER E 192 0.04 -13.37 28.07
CA SER E 192 -0.65 -14.24 29.02
C SER E 192 0.29 -14.90 30.02
N ASN E 193 1.45 -14.30 30.30
CA ASN E 193 2.45 -14.93 31.15
C ASN E 193 1.88 -15.37 32.48
N LYS E 194 2.32 -16.53 32.90
CA LYS E 194 1.78 -17.18 34.08
C LYS E 194 2.46 -16.52 35.25
N GLY E 195 1.80 -15.50 35.75
CA GLY E 195 2.26 -14.82 36.95
C GLY E 195 2.44 -15.78 38.10
N MET E 196 3.05 -15.24 39.15
CA MET E 196 3.29 -16.00 40.37
C MET E 196 2.67 -15.16 41.46
N TRP E 197 2.01 -15.82 42.39
CA TRP E 197 1.40 -15.09 43.50
C TRP E 197 2.43 -14.32 44.31
N SER E 198 2.33 -13.00 44.25
CA SER E 198 3.29 -12.12 44.89
C SER E 198 2.99 -12.03 46.38
N LYS E 199 3.83 -11.25 47.08
CA LYS E 199 3.75 -11.14 48.52
C LYS E 199 2.36 -10.69 48.98
N GLU E 200 1.89 -11.28 50.07
CA GLU E 200 0.54 -11.07 50.58
C GLU E 200 0.44 -9.72 51.30
N GLU E 201 -0.79 -9.28 51.54
CA GLU E 201 -1.02 -8.12 52.37
C GLU E 201 -2.37 -8.26 53.08
N CYS E 202 -2.45 -7.67 54.28
CA CYS E 202 -3.67 -7.66 55.09
C CYS E 202 -3.62 -6.47 56.03
N ILE E 203 -4.78 -5.89 56.32
CA ILE E 203 -4.86 -4.68 57.14
C ILE E 203 -6.16 -4.70 57.95
N SER E 204 -6.13 -4.06 59.11
CA SER E 204 -7.32 -3.83 59.91
C SER E 204 -7.85 -2.42 59.65
N LEU E 205 -9.13 -2.34 59.27
CA LEU E 205 -9.87 -1.09 59.18
C LEU E 205 -10.55 -0.68 60.47
N THR E 206 -10.64 -1.57 61.45
CA THR E 206 -11.32 -1.28 62.72
C THR E 206 -10.61 -0.19 63.52
N VAL F 2 -36.79 -30.87 -1.38
CA VAL F 2 -35.74 -30.97 -0.38
C VAL F 2 -35.98 -29.99 0.77
N PRO F 3 -37.10 -30.16 1.48
CA PRO F 3 -37.53 -29.18 2.50
C PRO F 3 -36.39 -28.81 3.43
N PRO F 4 -35.91 -27.56 3.38
CA PRO F 4 -34.73 -27.20 4.19
C PRO F 4 -35.10 -26.90 5.63
N PRO F 5 -34.10 -26.89 6.52
CA PRO F 5 -34.31 -26.44 7.89
C PRO F 5 -34.37 -24.91 8.01
N GLU F 6 -35.12 -24.45 9.01
CA GLU F 6 -35.34 -23.02 9.18
C GLU F 6 -35.66 -22.73 10.65
N ASN F 7 -35.93 -21.45 10.93
CA ASN F 7 -36.22 -20.91 12.26
C ASN F 7 -35.04 -21.05 13.23
N VAL F 8 -33.85 -20.68 12.78
CA VAL F 8 -32.66 -20.69 13.62
C VAL F 8 -32.80 -19.62 14.69
N ARG F 9 -32.54 -19.97 15.94
CA ARG F 9 -32.41 -18.93 16.96
C ARG F 9 -31.20 -19.21 17.84
N MET F 10 -30.21 -18.32 17.75
CA MET F 10 -28.93 -18.45 18.43
C MET F 10 -28.73 -17.29 19.41
N ASN F 11 -28.57 -17.61 20.69
CA ASN F 11 -28.44 -16.60 21.73
C ASN F 11 -26.96 -16.56 22.08
N SER F 12 -26.30 -15.46 21.71
CA SER F 12 -24.88 -15.27 21.90
C SER F 12 -24.59 -14.33 23.07
N VAL F 13 -25.54 -14.20 23.99
CA VAL F 13 -25.44 -13.29 25.13
C VAL F 13 -24.15 -13.60 25.85
N ASN F 14 -23.31 -12.59 25.97
CA ASN F 14 -21.99 -12.75 26.52
C ASN F 14 -21.21 -13.86 25.82
N PHE F 15 -21.29 -13.85 24.49
CA PHE F 15 -20.42 -14.62 23.63
C PHE F 15 -20.55 -16.14 23.79
N LYS F 16 -21.65 -16.69 24.30
CA LYS F 16 -21.75 -18.15 24.30
C LYS F 16 -22.44 -18.57 23.01
N ASN F 17 -21.63 -18.76 21.97
CA ASN F 17 -22.07 -18.97 20.59
C ASN F 17 -22.42 -20.43 20.29
N ILE F 18 -23.57 -20.86 20.79
CA ILE F 18 -24.09 -22.19 20.46
C ILE F 18 -25.24 -21.99 19.49
N LEU F 19 -25.22 -22.69 18.36
CA LEU F 19 -26.27 -22.47 17.39
C LEU F 19 -27.28 -23.60 17.41
N GLN F 20 -28.42 -23.35 16.74
CA GLN F 20 -29.47 -24.34 16.50
C GLN F 20 -30.15 -23.99 15.19
N TRP F 21 -30.25 -24.97 14.28
CA TRP F 21 -30.87 -24.74 12.98
C TRP F 21 -32.15 -25.52 12.76
N GLU F 22 -32.63 -26.22 13.78
CA GLU F 22 -33.87 -27.02 13.70
C GLU F 22 -33.86 -27.98 12.51
N SER F 23 -32.89 -28.88 12.51
CA SER F 23 -32.72 -29.85 11.43
C SER F 23 -34.03 -30.60 11.19
N PRO F 24 -34.49 -30.73 9.96
CA PRO F 24 -35.79 -31.38 9.72
C PRO F 24 -35.68 -32.90 9.80
N ALA F 25 -36.65 -33.51 10.47
CA ALA F 25 -36.69 -34.96 10.66
C ALA F 25 -37.43 -35.71 9.57
N PHE F 26 -37.75 -35.06 8.45
CA PHE F 26 -38.45 -35.72 7.36
C PHE F 26 -37.53 -36.66 6.60
N ALA F 27 -38.13 -37.50 5.75
CA ALA F 27 -37.39 -38.57 5.09
C ALA F 27 -36.22 -38.01 4.28
N LYS F 28 -36.45 -36.93 3.55
CA LYS F 28 -35.41 -36.32 2.74
C LYS F 28 -34.70 -35.20 3.47
N GLY F 29 -35.02 -35.00 4.73
CA GLY F 29 -34.48 -33.96 5.57
C GLY F 29 -33.47 -34.44 6.60
N GLN F 30 -33.08 -35.71 6.55
CA GLN F 30 -32.18 -36.28 7.53
C GLN F 30 -30.75 -36.33 7.04
N LEU F 31 -30.54 -36.46 5.73
CA LEU F 31 -29.25 -36.80 5.17
C LEU F 31 -28.28 -35.64 5.35
N THR F 32 -27.03 -35.89 4.97
CA THR F 32 -25.87 -35.18 5.50
C THR F 32 -26.03 -33.67 5.39
N PHE F 33 -25.35 -32.97 6.30
CA PHE F 33 -25.33 -31.51 6.31
C PHE F 33 -23.99 -31.05 6.84
N THR F 34 -23.64 -29.82 6.51
CA THR F 34 -22.35 -29.27 6.92
C THR F 34 -22.54 -27.91 7.57
N ALA F 35 -21.55 -27.53 8.39
CA ALA F 35 -21.51 -26.23 9.05
C ALA F 35 -20.13 -25.66 8.73
N GLN F 36 -19.97 -25.16 7.52
CA GLN F 36 -18.71 -24.56 7.13
C GLN F 36 -18.51 -23.20 7.78
N TYR F 37 -17.26 -22.83 7.99
CA TYR F 37 -16.92 -21.54 8.55
C TYR F 37 -15.92 -20.88 7.63
N LEU F 38 -15.73 -19.58 7.81
CA LEU F 38 -14.73 -18.84 7.06
C LEU F 38 -13.40 -18.99 7.78
N SER F 39 -12.76 -20.12 7.55
CA SER F 39 -11.45 -20.33 8.12
C SER F 39 -10.45 -19.39 7.46
N TYR F 40 -9.35 -19.13 8.18
CA TYR F 40 -8.32 -18.21 7.74
C TYR F 40 -8.06 -18.25 6.25
N ARG F 41 -7.90 -19.46 5.70
CA ARG F 41 -7.82 -19.60 4.25
C ARG F 41 -8.75 -20.68 3.73
N ILE F 42 -8.79 -21.82 4.42
CA ILE F 42 -9.45 -23.01 3.88
C ILE F 42 -10.96 -22.79 3.66
N PHE F 43 -11.62 -22.10 4.58
CA PHE F 43 -13.08 -21.91 4.52
C PHE F 43 -13.75 -23.25 4.80
N GLN F 44 -13.27 -23.91 5.84
CA GLN F 44 -13.58 -25.29 6.18
C GLN F 44 -14.90 -25.42 6.94
N ASP F 45 -15.34 -26.67 7.01
CA ASP F 45 -16.49 -27.10 7.79
C ASP F 45 -16.14 -27.17 9.27
N LYS F 46 -17.04 -26.64 10.11
CA LYS F 46 -16.88 -26.72 11.55
C LYS F 46 -17.07 -28.15 12.01
N CYS F 47 -18.11 -28.82 11.50
CA CYS F 47 -18.36 -30.21 11.90
C CYS F 47 -19.17 -30.91 10.82
N MET F 48 -19.15 -32.24 10.89
CA MET F 48 -19.85 -33.17 10.00
C MET F 48 -21.32 -33.28 10.37
N GLN F 49 -22.12 -33.80 9.43
CA GLN F 49 -23.54 -33.98 9.62
C GLN F 49 -23.88 -34.57 10.98
N THR F 50 -24.64 -33.80 11.76
CA THR F 50 -25.24 -34.24 13.00
C THR F 50 -26.74 -34.08 12.88
N THR F 51 -27.46 -35.20 13.06
CA THR F 51 -28.91 -35.19 12.90
C THR F 51 -29.57 -34.03 13.66
N LEU F 52 -29.16 -33.81 14.91
CA LEU F 52 -29.43 -32.56 15.61
C LEU F 52 -28.65 -31.39 15.04
N THR F 53 -29.37 -30.40 14.50
CA THR F 53 -28.78 -29.19 13.95
C THR F 53 -28.03 -28.32 14.96
N GLU F 54 -28.23 -28.50 16.26
CA GLU F 54 -27.73 -27.54 17.26
C GLU F 54 -26.22 -27.68 17.50
N CYS F 55 -25.46 -27.28 16.49
CA CYS F 55 -24.00 -27.28 16.56
C CYS F 55 -23.46 -26.00 17.22
N ASP F 56 -22.59 -26.19 18.21
CA ASP F 56 -21.96 -25.09 18.91
C ASP F 56 -21.07 -24.27 17.97
N PHE F 57 -21.06 -22.96 18.13
CA PHE F 57 -20.11 -22.18 17.34
C PHE F 57 -19.38 -21.14 18.18
N SER F 58 -19.35 -21.33 19.50
CA SER F 58 -18.57 -20.49 20.41
C SER F 58 -17.11 -20.39 19.99
N SER F 59 -16.62 -21.38 19.23
CA SER F 59 -15.21 -21.41 18.82
C SER F 59 -14.80 -20.15 18.10
N LEU F 60 -15.74 -19.45 17.49
CA LEU F 60 -15.42 -18.24 16.76
C LEU F 60 -14.70 -17.25 17.67
N SER F 61 -13.78 -16.49 17.10
CA SER F 61 -12.96 -15.54 17.84
C SER F 61 -13.83 -14.39 18.33
N LYS F 62 -13.35 -13.65 19.31
CA LYS F 62 -14.16 -12.55 19.82
C LYS F 62 -14.20 -11.40 18.81
N TYR F 63 -13.04 -10.82 18.50
CA TYR F 63 -13.02 -9.44 18.00
C TYR F 63 -13.29 -9.35 16.52
N GLY F 64 -13.14 -10.44 15.75
CA GLY F 64 -13.41 -10.33 14.32
C GLY F 64 -14.84 -10.60 13.88
N ASP F 65 -14.99 -11.22 12.71
CA ASP F 65 -16.30 -11.69 12.27
C ASP F 65 -16.12 -12.98 11.47
N HIS F 66 -17.14 -13.83 11.50
CA HIS F 66 -17.10 -15.10 10.79
C HIS F 66 -18.40 -15.34 10.06
N THR F 67 -18.32 -15.71 8.79
CA THR F 67 -19.46 -16.20 8.02
C THR F 67 -19.75 -17.66 8.36
N LEU F 68 -21.04 -18.02 8.34
CA LEU F 68 -21.50 -19.37 8.69
C LEU F 68 -22.04 -20.15 7.50
N ARG F 69 -21.38 -20.04 6.34
CA ARG F 69 -21.87 -20.70 5.14
C ARG F 69 -22.06 -22.18 5.40
N VAL F 70 -23.23 -22.71 5.03
CA VAL F 70 -23.62 -24.06 5.38
C VAL F 70 -24.33 -24.70 4.19
N ARG F 71 -24.52 -26.02 4.30
CA ARG F 71 -25.33 -26.76 3.34
C ARG F 71 -25.86 -28.01 4.03
N ALA F 72 -26.80 -28.66 3.36
CA ALA F 72 -27.29 -29.98 3.69
C ALA F 72 -27.56 -30.69 2.38
N GLU F 73 -27.40 -32.01 2.37
CA GLU F 73 -27.51 -32.62 1.05
C GLU F 73 -27.77 -34.11 1.14
N PHE F 74 -28.40 -34.60 0.08
CA PHE F 74 -28.57 -36.00 -0.28
C PHE F 74 -27.35 -36.44 -1.08
N ALA F 75 -27.34 -37.72 -1.48
CA ALA F 75 -26.26 -38.20 -2.35
C ALA F 75 -26.20 -37.40 -3.65
N ASP F 76 -27.34 -37.06 -4.24
CA ASP F 76 -27.29 -36.31 -5.49
C ASP F 76 -27.92 -34.93 -5.43
N GLU F 77 -28.25 -34.40 -4.25
CA GLU F 77 -28.89 -33.09 -4.20
C GLU F 77 -28.52 -32.37 -2.92
N HIS F 78 -28.41 -31.03 -3.00
CA HIS F 78 -28.05 -30.19 -1.87
C HIS F 78 -29.29 -29.45 -1.37
N SER F 79 -29.58 -29.55 -0.08
CA SER F 79 -30.65 -28.78 0.54
C SER F 79 -30.16 -27.42 1.04
N ASP F 80 -31.10 -26.47 1.09
CA ASP F 80 -30.75 -25.06 1.29
C ASP F 80 -30.34 -24.79 2.74
N TRP F 81 -29.69 -23.64 2.93
CA TRP F 81 -28.92 -23.31 4.14
C TRP F 81 -28.99 -21.81 4.37
N VAL F 82 -28.62 -21.40 5.58
CA VAL F 82 -28.86 -20.03 6.06
C VAL F 82 -27.56 -19.54 6.69
N GLN F 83 -26.71 -18.91 5.88
CA GLN F 83 -25.35 -18.46 6.26
C GLN F 83 -25.40 -17.11 6.99
N ILE F 84 -25.54 -17.16 8.32
CA ILE F 84 -25.50 -15.94 9.12
C ILE F 84 -24.07 -15.68 9.61
N THR F 85 -23.52 -14.54 9.21
CA THR F 85 -22.19 -14.13 9.66
C THR F 85 -22.26 -13.47 11.04
N PHE F 86 -21.39 -13.91 11.95
CA PHE F 86 -21.35 -13.36 13.29
C PHE F 86 -20.15 -12.42 13.46
N CYS F 87 -20.35 -11.35 14.22
CA CYS F 87 -19.26 -10.47 14.67
C CYS F 87 -19.45 -10.27 16.18
N PRO F 88 -19.15 -11.31 16.94
CA PRO F 88 -19.57 -11.39 18.36
C PRO F 88 -19.33 -10.17 19.22
N VAL F 89 -18.29 -9.38 18.96
CA VAL F 89 -18.08 -8.21 19.82
C VAL F 89 -19.24 -7.23 19.70
N ASP F 90 -19.66 -6.95 18.47
CA ASP F 90 -20.77 -6.04 18.25
C ASP F 90 -22.01 -6.78 17.82
N ASP F 91 -21.89 -8.00 17.32
CA ASP F 91 -23.04 -8.79 16.89
C ASP F 91 -23.25 -9.83 17.98
N THR F 92 -23.78 -9.35 19.10
CA THR F 92 -24.05 -10.22 20.22
C THR F 92 -25.05 -9.56 21.13
N ILE F 93 -25.43 -10.33 22.13
CA ILE F 93 -26.30 -9.94 23.20
C ILE F 93 -25.36 -9.81 24.38
N ILE F 94 -25.79 -9.06 25.36
CA ILE F 94 -25.00 -8.88 26.55
C ILE F 94 -25.60 -9.79 27.60
N GLY F 95 -24.76 -10.63 28.21
CA GLY F 95 -25.27 -11.58 29.15
C GLY F 95 -25.68 -10.78 30.35
N PRO F 96 -26.48 -11.33 31.23
CA PRO F 96 -26.75 -10.61 32.45
C PRO F 96 -25.54 -10.70 33.35
N PRO F 97 -24.98 -9.57 33.75
CA PRO F 97 -23.89 -9.61 34.72
C PRO F 97 -24.39 -10.28 35.99
N GLY F 98 -23.47 -10.74 36.81
CA GLY F 98 -23.80 -11.12 38.17
C GLY F 98 -23.49 -10.00 39.13
N MET F 99 -23.51 -10.34 40.41
CA MET F 99 -23.23 -9.36 41.44
C MET F 99 -23.09 -10.08 42.76
N GLN F 100 -22.37 -9.45 43.68
CA GLN F 100 -22.39 -9.82 45.08
C GLN F 100 -23.17 -8.76 45.85
N VAL F 101 -24.11 -9.21 46.69
CA VAL F 101 -25.18 -8.34 47.16
C VAL F 101 -25.09 -8.37 48.67
N GLU F 102 -25.39 -7.24 49.30
CA GLU F 102 -25.35 -7.12 50.74
C GLU F 102 -26.66 -7.54 51.41
N VAL F 103 -26.53 -7.98 52.65
CA VAL F 103 -27.67 -8.35 53.49
C VAL F 103 -27.88 -7.39 54.64
N LEU F 104 -26.90 -6.56 54.97
CA LEU F 104 -27.01 -5.63 56.09
C LEU F 104 -28.20 -4.70 55.87
N ALA F 105 -29.05 -4.58 56.89
CA ALA F 105 -30.18 -3.67 56.77
C ALA F 105 -29.74 -2.21 56.65
N ASP F 106 -28.82 -1.78 57.49
CA ASP F 106 -28.51 -0.35 57.52
C ASP F 106 -27.90 0.17 56.22
N SER F 107 -27.28 -0.69 55.41
CA SER F 107 -26.78 -0.24 54.10
C SER F 107 -26.73 -1.40 53.11
N LEU F 108 -27.43 -1.26 51.99
CA LEU F 108 -27.36 -2.23 50.89
C LEU F 108 -26.11 -1.99 50.03
N HIS F 109 -25.70 -3.03 49.32
CA HIS F 109 -24.62 -2.88 48.37
C HIS F 109 -24.78 -3.89 47.26
N MET F 110 -24.22 -3.56 46.09
CA MET F 110 -24.10 -4.50 44.97
C MET F 110 -22.76 -4.26 44.30
N ARG F 111 -21.86 -5.22 44.42
CA ARG F 111 -20.66 -5.26 43.59
C ARG F 111 -20.94 -5.95 42.26
N PHE F 112 -20.68 -5.26 41.15
CA PHE F 112 -20.94 -5.85 39.84
C PHE F 112 -19.79 -6.75 39.42
N LEU F 113 -20.12 -7.73 38.59
CA LEU F 113 -19.22 -8.76 38.10
C LEU F 113 -19.55 -9.04 36.66
N ALA F 114 -18.57 -9.33 35.86
CA ALA F 114 -18.94 -9.33 34.46
C ALA F 114 -19.37 -10.70 34.02
N PRO F 115 -20.06 -10.80 32.87
CA PRO F 115 -20.28 -12.10 32.25
C PRO F 115 -18.99 -12.72 31.77
N LYS F 116 -19.01 -14.03 31.63
CA LYS F 116 -17.81 -14.75 31.25
C LYS F 116 -17.94 -15.58 29.98
N ILE F 117 -16.92 -15.50 29.15
CA ILE F 117 -16.85 -16.25 27.91
C ILE F 117 -16.49 -17.67 28.32
N GLU F 118 -17.01 -18.66 27.61
CA GLU F 118 -16.77 -20.07 27.96
C GLU F 118 -15.43 -20.54 27.38
N ASN F 119 -14.36 -19.99 27.94
CA ASN F 119 -13.00 -20.36 27.55
C ASN F 119 -12.55 -21.58 28.33
N GLU F 120 -12.35 -22.69 27.61
CA GLU F 120 -11.92 -23.97 28.18
C GLU F 120 -10.51 -23.92 28.80
N TYR F 121 -9.61 -23.10 28.24
CA TYR F 121 -8.21 -23.16 28.65
C TYR F 121 -7.91 -22.34 29.88
N GLU F 122 -8.45 -21.13 29.96
CA GLU F 122 -8.12 -20.20 31.02
C GLU F 122 -9.40 -19.68 31.65
N THR F 123 -9.26 -18.73 32.56
CA THR F 123 -10.39 -18.12 33.23
C THR F 123 -10.38 -16.69 32.76
N TRP F 124 -11.52 -16.24 32.27
CA TRP F 124 -11.60 -14.91 31.70
C TRP F 124 -12.85 -14.20 32.16
N THR F 125 -12.80 -12.89 32.01
CA THR F 125 -13.90 -11.98 32.26
C THR F 125 -14.10 -11.21 30.97
N MET F 126 -15.36 -10.94 30.63
CA MET F 126 -15.70 -10.26 29.38
C MET F 126 -14.99 -8.92 29.22
N LYS F 127 -14.71 -8.23 30.33
CA LYS F 127 -14.05 -6.92 30.29
C LYS F 127 -12.75 -6.95 29.50
N ASN F 128 -12.09 -8.08 29.35
CA ASN F 128 -10.96 -8.06 28.45
C ASN F 128 -11.44 -7.74 27.04
N VAL F 129 -12.53 -8.37 26.62
CA VAL F 129 -13.06 -8.17 25.28
C VAL F 129 -13.65 -6.77 25.12
N TYR F 130 -14.46 -6.34 26.10
CA TYR F 130 -15.11 -5.04 26.08
C TYR F 130 -14.28 -4.01 26.84
N ASN F 131 -14.09 -2.84 26.24
CA ASN F 131 -13.24 -1.84 26.85
C ASN F 131 -13.97 -0.80 27.69
N SER F 132 -15.21 -0.46 27.39
CA SER F 132 -15.87 0.60 28.13
C SER F 132 -16.89 0.08 29.11
N TRP F 133 -16.83 -1.21 29.45
CA TRP F 133 -17.85 -1.82 30.30
C TRP F 133 -18.21 -0.91 31.46
N THR F 134 -19.50 -0.85 31.73
CA THR F 134 -20.00 -0.20 32.93
C THR F 134 -21.36 -0.82 33.25
N TYR F 135 -21.47 -1.45 34.41
CA TYR F 135 -22.73 -2.02 34.80
C TYR F 135 -23.79 -0.92 34.83
N ASN F 136 -25.03 -1.31 34.60
CA ASN F 136 -26.18 -0.45 34.82
C ASN F 136 -27.20 -1.19 35.67
N VAL F 137 -27.53 -0.65 36.83
CA VAL F 137 -28.69 -1.16 37.54
C VAL F 137 -29.85 -0.24 37.27
N GLN F 138 -30.90 -0.78 36.63
CA GLN F 138 -32.08 0.01 36.26
C GLN F 138 -33.36 -0.77 36.60
N TYR F 139 -33.99 -0.38 37.70
CA TYR F 139 -35.24 -0.96 38.17
C TYR F 139 -35.91 0.12 39.01
N TRP F 140 -37.21 -0.03 39.21
CA TRP F 140 -38.01 0.99 39.90
C TRP F 140 -37.36 1.47 41.20
N GLN F 149 -33.58 6.88 37.06
CA GLN F 149 -33.39 5.58 37.66
C GLN F 149 -31.98 5.44 38.17
N ILE F 150 -31.83 4.53 39.12
CA ILE F 150 -30.55 4.25 39.74
C ILE F 150 -29.50 3.86 38.68
N THR F 151 -28.22 4.11 38.99
CA THR F 151 -27.20 3.72 38.01
C THR F 151 -25.92 3.40 38.78
N PRO F 152 -25.22 2.32 38.41
CA PRO F 152 -24.00 1.90 39.14
C PRO F 152 -22.79 2.80 38.96
N GLN F 153 -21.99 2.87 40.02
CA GLN F 153 -20.67 3.47 39.95
C GLN F 153 -19.72 2.55 39.17
N TYR F 154 -18.53 3.08 38.81
CA TYR F 154 -17.50 2.49 37.95
C TYR F 154 -17.39 0.97 37.93
N ASP F 155 -17.40 0.32 39.08
CA ASP F 155 -17.34 -1.14 39.17
C ASP F 155 -18.51 -1.65 39.98
N PHE F 156 -18.75 -1.04 41.14
CA PHE F 156 -19.74 -1.46 42.08
C PHE F 156 -20.55 -0.25 42.50
N GLU F 157 -21.74 -0.50 43.01
CA GLU F 157 -22.67 0.54 43.40
C GLU F 157 -22.63 0.67 44.92
N VAL F 158 -22.58 1.90 45.40
CA VAL F 158 -22.57 2.18 46.83
C VAL F 158 -23.69 3.16 47.14
N LEU F 159 -24.44 2.89 48.21
CA LEU F 159 -25.62 3.65 48.57
C LEU F 159 -26.60 3.66 47.42
N GLU F 163 -33.68 2.71 53.15
CA GLU F 163 -34.86 3.14 52.39
C GLU F 163 -36.13 2.53 52.96
N PRO F 164 -37.27 3.17 52.71
CA PRO F 164 -38.56 2.63 53.18
C PRO F 164 -38.90 1.29 52.55
N TRP F 165 -39.83 0.57 53.19
CA TRP F 165 -40.17 -0.79 52.78
C TRP F 165 -41.01 -0.77 51.50
N THR F 166 -40.30 -0.69 50.39
CA THR F 166 -40.85 -0.70 49.04
C THR F 166 -40.38 -1.97 48.35
N THR F 167 -41.28 -2.68 47.67
CA THR F 167 -40.88 -3.92 47.04
C THR F 167 -40.30 -3.71 45.65
N TYR F 168 -40.36 -2.49 45.13
CA TYR F 168 -39.58 -2.13 43.96
C TYR F 168 -38.11 -2.21 44.31
N CYS F 169 -37.36 -2.98 43.53
CA CYS F 169 -36.06 -3.40 44.02
C CYS F 169 -35.13 -3.62 42.85
N VAL F 170 -33.85 -3.81 43.18
CA VAL F 170 -32.76 -3.70 42.23
C VAL F 170 -33.05 -4.55 41.01
N GLN F 171 -32.60 -4.08 39.85
CA GLN F 171 -32.38 -4.95 38.71
C GLN F 171 -31.11 -4.50 38.01
N VAL F 172 -30.40 -5.45 37.43
CA VAL F 172 -29.07 -5.18 36.90
C VAL F 172 -28.92 -5.87 35.55
N ARG F 173 -28.17 -5.24 34.68
CA ARG F 173 -27.86 -5.79 33.36
C ARG F 173 -26.43 -5.41 33.01
N GLY F 174 -25.84 -6.13 32.09
CA GLY F 174 -24.63 -5.62 31.47
C GLY F 174 -24.91 -4.35 30.71
N PHE F 175 -23.91 -3.47 30.68
CA PHE F 175 -23.93 -2.25 29.89
C PHE F 175 -22.52 -1.92 29.42
N LEU F 176 -22.44 -1.22 28.32
CA LEU F 176 -21.21 -0.73 27.77
C LEU F 176 -21.34 0.78 27.73
N PRO F 177 -20.33 1.51 28.20
CA PRO F 177 -20.47 2.97 28.28
C PRO F 177 -20.85 3.58 26.93
N ASP F 178 -20.14 3.28 25.85
CA ASP F 178 -20.43 4.02 24.63
C ASP F 178 -21.40 3.29 23.70
N ARG F 179 -21.34 1.97 23.63
CA ARG F 179 -22.37 1.20 22.95
C ARG F 179 -23.38 0.78 24.02
N ASN F 180 -24.07 1.78 24.58
CA ASN F 180 -25.04 1.54 25.64
C ASN F 180 -25.96 0.42 25.21
N LYS F 181 -25.90 -0.69 25.94
CA LYS F 181 -26.60 -1.90 25.56
C LYS F 181 -26.95 -2.63 26.84
N ALA F 182 -27.92 -3.52 26.75
CA ALA F 182 -28.44 -4.14 27.96
C ALA F 182 -28.45 -5.65 27.84
N GLY F 183 -27.89 -6.25 28.86
CA GLY F 183 -28.02 -7.65 29.14
C GLY F 183 -29.34 -7.98 29.75
N GLU F 184 -29.60 -9.28 29.92
CA GLU F 184 -30.77 -9.67 30.66
C GLU F 184 -30.73 -8.95 31.99
N TRP F 185 -31.88 -8.46 32.42
CA TRP F 185 -31.88 -7.71 33.66
C TRP F 185 -31.84 -8.66 34.86
N SER F 186 -31.17 -8.20 35.90
CA SER F 186 -31.17 -8.94 37.16
C SER F 186 -32.30 -8.41 38.02
N GLU F 187 -33.50 -8.58 37.48
CA GLU F 187 -34.69 -8.12 38.16
C GLU F 187 -34.77 -9.06 39.34
N PRO F 188 -34.31 -10.30 39.15
CA PRO F 188 -34.40 -11.26 40.25
C PRO F 188 -33.65 -10.75 41.45
N VAL F 189 -32.60 -9.97 41.23
CA VAL F 189 -31.80 -9.56 42.36
C VAL F 189 -32.57 -8.43 43.01
N CYS F 190 -33.50 -8.80 43.88
CA CYS F 190 -34.28 -7.88 44.69
C CYS F 190 -33.43 -7.31 45.81
N GLU F 191 -33.86 -6.19 46.36
CA GLU F 191 -33.11 -5.55 47.43
C GLU F 191 -33.97 -5.60 48.69
N GLN F 192 -33.31 -5.60 49.85
CA GLN F 192 -33.99 -5.67 51.14
C GLN F 192 -34.16 -4.26 51.66
N THR F 193 -35.41 -3.78 51.68
CA THR F 193 -35.71 -2.57 52.42
C THR F 193 -35.86 -2.88 53.90
N THR F 194 -35.87 -1.82 54.71
CA THR F 194 -35.87 -1.95 56.16
C THR F 194 -36.51 -0.73 56.79
N HIS F 195 -36.98 -0.90 58.03
CA HIS F 195 -37.34 0.21 58.91
C HIS F 195 -36.32 1.33 58.88
#